data_8X8I
#
_entry.id   8X8I
#
_cell.length_a   71.055
_cell.length_b   57.230
_cell.length_c   143.671
_cell.angle_alpha   90.00
_cell.angle_beta   101.72
_cell.angle_gamma   90.00
#
_symmetry.space_group_name_H-M   'P 1 21 1'
#
loop_
_entity.id
_entity.type
_entity.pdbx_description
1 polymer 'Malonyl-[acyl-carrier protein] O-methyltransferase'
2 non-polymer S-ADENOSYLMETHIONINE
3 water water
#
_entity_poly.entity_id   1
_entity_poly.type   'polypeptide(L)'
_entity_poly.pdbx_seq_one_letter_code
;MSLNKNLVAQRFAKAGQSYSKHAIVQKQICQNLTNLLKQFCPSAMSRVFEIGCGSGNLTRLLVESFQIENLVLNDLYAEV
QQHFNHEEHVKWLIGDVETLEFPQQLDMIVSGSALQWMQDLPRLLQHCYAALNEQGWLCFSTFGPKNLIEIKELTGQGLN
YWNLENWNSALTQAGFEILHLAQSETQLYFDSPKAVLQHLKATGVTATAQHRWTKQSLQQFYQDYDRFKHTEGYSLTYHP
IYCIARRMK
;
_entity_poly.pdbx_strand_id   A,B,C,D
#
# COMPACT_ATOMS: atom_id res chain seq x y z
N SER A 2 30.81 11.14 -12.45
CA SER A 2 31.67 11.97 -13.29
C SER A 2 33.14 11.60 -13.06
N LEU A 3 33.57 11.62 -11.80
CA LEU A 3 34.93 11.23 -11.42
C LEU A 3 35.09 9.71 -11.32
N ASN A 4 34.13 8.95 -11.85
CA ASN A 4 34.21 7.49 -11.84
C ASN A 4 34.90 7.00 -13.11
N LYS A 5 35.74 6.00 -12.96
CA LYS A 5 36.59 5.49 -14.04
C LYS A 5 35.92 4.32 -14.76
N ASN A 6 36.36 4.09 -16.00
CA ASN A 6 35.82 3.07 -16.91
C ASN A 6 34.37 3.32 -17.30
N LEU A 7 33.82 4.48 -16.95
CA LEU A 7 32.58 4.97 -17.53
C LEU A 7 32.90 6.24 -18.30
N VAL A 8 32.33 6.38 -19.49
CA VAL A 8 32.73 7.41 -20.44
C VAL A 8 31.47 8.12 -20.94
N ALA A 9 31.51 9.46 -20.90
CA ALA A 9 30.40 10.25 -21.42
C ALA A 9 30.25 10.04 -22.91
N GLN A 10 29.00 10.16 -23.39
CA GLN A 10 28.67 9.76 -24.76
C GLN A 10 27.50 10.60 -25.28
N ARG A 11 27.61 11.02 -26.53
CA ARG A 11 26.55 11.73 -27.25
C ARG A 11 26.25 10.96 -28.53
N PHE A 12 24.97 10.74 -28.81
CA PHE A 12 24.57 9.90 -29.92
C PHE A 12 23.39 10.50 -30.66
N ALA A 13 23.27 10.14 -31.94
CA ALA A 13 22.16 10.56 -32.77
C ALA A 13 21.85 9.45 -33.77
N LYS A 14 20.57 9.21 -34.01
CA LYS A 14 20.12 8.12 -34.87
C LYS A 14 19.03 8.59 -35.82
N ALA A 15 18.96 7.95 -36.99
CA ALA A 15 17.94 8.26 -37.99
C ALA A 15 17.78 7.06 -38.91
N GLY A 16 16.55 6.85 -39.38
CA GLY A 16 16.31 5.75 -40.30
C GLY A 16 14.85 5.66 -40.67
N GLN A 17 14.55 4.63 -41.49
CA GLN A 17 13.22 4.34 -41.98
C GLN A 17 12.91 2.88 -41.74
N SER A 18 11.68 2.60 -41.30
CA SER A 18 11.35 1.25 -40.87
C SER A 18 9.87 0.98 -41.05
N TYR A 19 9.48 -0.25 -40.75
CA TYR A 19 8.09 -0.69 -40.74
C TYR A 19 7.75 -1.18 -39.35
N SER A 20 6.84 -0.49 -38.67
CA SER A 20 6.42 -0.85 -37.33
C SER A 20 4.98 -1.37 -37.36
N LYS A 21 4.62 -2.09 -36.30
CA LYS A 21 3.23 -2.44 -36.05
C LYS A 21 2.60 -1.33 -35.24
N HIS A 22 1.70 -0.56 -35.86
CA HIS A 22 1.18 0.66 -35.24
C HIS A 22 0.58 0.41 -33.86
N ALA A 23 0.03 -0.78 -33.63
CA ALA A 23 -0.58 -1.10 -32.34
C ALA A 23 0.44 -1.42 -31.26
N ILE A 24 1.71 -1.60 -31.60
CA ILE A 24 2.72 -2.05 -30.66
C ILE A 24 3.57 -0.90 -30.11
N VAL A 25 3.16 0.35 -30.38
CA VAL A 25 3.99 1.51 -30.07
C VAL A 25 4.29 1.59 -28.58
N GLN A 26 3.27 1.44 -27.74
CA GLN A 26 3.50 1.54 -26.30
C GLN A 26 4.36 0.41 -25.78
N LYS A 27 4.20 -0.79 -26.34
CA LYS A 27 5.09 -1.90 -26.01
C LYS A 27 6.51 -1.59 -26.45
N GLN A 28 6.67 -0.93 -27.60
CA GLN A 28 7.98 -0.54 -28.08
C GLN A 28 8.68 0.40 -27.11
N ILE A 29 7.94 1.31 -26.48
CA ILE A 29 8.56 2.28 -25.58
C ILE A 29 8.90 1.64 -24.24
N CYS A 30 8.01 0.79 -23.72
CA CYS A 30 8.31 0.07 -22.48
C CYS A 30 9.45 -0.91 -22.67
N GLN A 31 9.61 -1.46 -23.88
CA GLN A 31 10.76 -2.31 -24.17
C GLN A 31 12.04 -1.49 -24.26
N ASN A 32 11.96 -0.30 -24.88
CA ASN A 32 13.14 0.55 -24.98
C ASN A 32 13.62 0.99 -23.60
N LEU A 33 12.68 1.36 -22.72
CA LEU A 33 13.06 1.76 -21.38
C LEU A 33 13.64 0.60 -20.58
N THR A 34 13.09 -0.61 -20.74
CA THR A 34 13.65 -1.76 -20.05
C THR A 34 15.08 -2.04 -20.51
N ASN A 35 15.35 -1.85 -21.81
CA ASN A 35 16.71 -2.04 -22.30
C ASN A 35 17.67 -1.05 -21.66
N LEU A 36 17.21 0.16 -21.38
CA LEU A 36 18.02 1.13 -20.65
C LEU A 36 18.21 0.71 -19.19
N LEU A 37 17.20 0.07 -18.59
CA LEU A 37 17.33 -0.35 -17.19
C LEU A 37 18.34 -1.47 -17.04
N LYS A 38 18.46 -2.34 -18.05
CA LYS A 38 19.44 -3.42 -18.00
C LYS A 38 20.86 -2.87 -18.07
N GLN A 39 21.06 -1.72 -18.72
CA GLN A 39 22.39 -1.16 -18.85
C GLN A 39 22.88 -0.58 -17.53
N PHE A 40 22.08 0.27 -16.90
CA PHE A 40 22.56 1.11 -15.79
C PHE A 40 22.30 0.53 -14.42
N CYS A 41 21.34 -0.38 -14.27
CA CYS A 41 20.90 -0.72 -12.93
C CYS A 41 21.26 -2.14 -12.54
N PRO A 42 21.51 -2.41 -11.25
CA PRO A 42 21.82 -3.77 -10.82
C PRO A 42 20.66 -4.72 -11.08
N SER A 43 20.99 -6.02 -11.17
CA SER A 43 19.99 -7.02 -11.47
C SER A 43 19.01 -7.26 -10.32
N ALA A 44 19.42 -7.00 -9.08
CA ALA A 44 18.59 -7.21 -7.91
C ALA A 44 18.26 -5.88 -7.24
N MET A 45 17.00 -5.74 -6.83
CA MET A 45 16.53 -4.55 -6.13
C MET A 45 15.46 -4.96 -5.13
N SER A 46 15.62 -4.52 -3.89
CA SER A 46 14.72 -4.99 -2.84
C SER A 46 13.35 -4.31 -2.94
N ARG A 47 13.33 -2.99 -3.11
CA ARG A 47 12.09 -2.23 -3.08
C ARG A 47 12.00 -1.33 -4.31
N VAL A 48 11.00 -1.57 -5.15
CA VAL A 48 10.78 -0.83 -6.37
C VAL A 48 9.36 -0.29 -6.37
N PHE A 49 9.18 0.93 -6.88
CA PHE A 49 7.89 1.60 -6.90
C PHE A 49 7.58 2.01 -8.34
N GLU A 50 6.46 1.53 -8.87
CA GLU A 50 6.04 1.85 -10.22
C GLU A 50 4.83 2.76 -10.19
N ILE A 51 4.95 3.91 -10.86
CA ILE A 51 3.87 4.88 -10.99
C ILE A 51 3.10 4.59 -12.27
N GLY A 52 1.78 4.55 -12.18
CA GLY A 52 0.92 4.29 -13.32
C GLY A 52 1.19 2.97 -14.03
N CYS A 53 0.97 1.86 -13.32
CA CYS A 53 1.27 0.56 -13.92
C CYS A 53 0.34 0.25 -15.08
N GLY A 54 -0.94 0.59 -14.93
CA GLY A 54 -1.88 0.43 -16.04
C GLY A 54 -2.05 -1.03 -16.43
N SER A 55 -2.04 -1.28 -17.74
CA SER A 55 -2.15 -2.64 -18.24
C SER A 55 -1.07 -3.54 -17.67
N GLY A 56 0.12 -3.00 -17.43
CA GLY A 56 1.23 -3.77 -16.92
C GLY A 56 2.29 -4.13 -17.94
N ASN A 57 2.32 -3.47 -19.09
CA ASN A 57 3.33 -3.77 -20.10
C ASN A 57 4.74 -3.65 -19.53
N LEU A 58 5.04 -2.52 -18.88
CA LEU A 58 6.34 -2.36 -18.25
C LEU A 58 6.51 -3.28 -17.04
N THR A 59 5.42 -3.55 -16.32
CA THR A 59 5.52 -4.41 -15.14
C THR A 59 5.94 -5.82 -15.52
N ARG A 60 5.40 -6.34 -16.64
CA ARG A 60 5.82 -7.63 -17.14
C ARG A 60 7.32 -7.66 -17.42
N LEU A 61 7.82 -6.63 -18.13
CA LEU A 61 9.24 -6.60 -18.48
C LEU A 61 10.11 -6.40 -17.24
N LEU A 62 9.56 -5.77 -16.19
CA LEU A 62 10.33 -5.50 -14.99
C LEU A 62 10.59 -6.77 -14.17
N VAL A 63 9.58 -7.63 -14.02
CA VAL A 63 9.73 -8.80 -13.17
C VAL A 63 10.53 -9.91 -13.85
N GLU A 64 10.56 -9.95 -15.18
CA GLU A 64 11.31 -11.02 -15.83
C GLU A 64 12.80 -10.70 -15.90
N SER A 65 13.19 -9.44 -15.76
CA SER A 65 14.60 -9.10 -15.88
C SER A 65 15.23 -8.64 -14.58
N PHE A 66 14.45 -8.49 -13.51
CA PHE A 66 14.94 -7.98 -12.25
C PHE A 66 14.38 -8.78 -11.09
N GLN A 67 15.26 -9.24 -10.21
CA GLN A 67 14.83 -9.90 -8.98
C GLN A 67 14.41 -8.82 -7.99
N ILE A 68 13.12 -8.76 -7.66
CA ILE A 68 12.58 -7.73 -6.79
C ILE A 68 11.93 -8.41 -5.59
N GLU A 69 12.28 -7.92 -4.40
CA GLU A 69 11.74 -8.52 -3.18
C GLU A 69 10.39 -7.92 -2.82
N ASN A 70 10.25 -6.60 -2.96
CA ASN A 70 9.01 -5.90 -2.62
C ASN A 70 8.67 -4.95 -3.75
N LEU A 71 7.55 -5.18 -4.42
CA LEU A 71 7.12 -4.38 -5.56
C LEU A 71 5.83 -3.66 -5.22
N VAL A 72 5.84 -2.34 -5.39
CA VAL A 72 4.68 -1.50 -5.09
C VAL A 72 4.19 -0.90 -6.40
N LEU A 73 2.92 -1.11 -6.71
CA LEU A 73 2.30 -0.65 -7.95
C LEU A 73 1.25 0.41 -7.64
N ASN A 74 1.25 1.47 -8.44
CA ASN A 74 0.32 2.57 -8.28
C ASN A 74 -0.41 2.85 -9.59
N ASP A 75 -1.69 3.20 -9.48
CA ASP A 75 -2.46 3.71 -10.62
C ASP A 75 -3.72 4.39 -10.10
N LEU A 76 -4.38 5.12 -11.00
CA LEU A 76 -5.56 5.89 -10.62
C LEU A 76 -6.74 5.00 -10.28
N TYR A 77 -6.93 3.92 -11.05
CA TYR A 77 -8.13 3.11 -10.97
C TYR A 77 -7.87 1.85 -10.15
N ALA A 78 -8.83 1.50 -9.30
CA ALA A 78 -8.71 0.30 -8.49
C ALA A 78 -8.88 -0.98 -9.30
N GLU A 79 -9.61 -0.92 -10.41
CA GLU A 79 -9.77 -2.06 -11.30
C GLU A 79 -8.56 -2.28 -12.19
N VAL A 80 -7.49 -1.52 -11.99
CA VAL A 80 -6.20 -1.86 -12.60
C VAL A 80 -5.73 -3.21 -12.08
N GLN A 81 -6.16 -3.58 -10.87
CA GLN A 81 -5.79 -4.87 -10.27
C GLN A 81 -6.50 -6.05 -10.92
N GLN A 82 -7.36 -5.79 -11.92
CA GLN A 82 -7.95 -6.86 -12.72
C GLN A 82 -7.02 -7.36 -13.81
N HIS A 83 -6.03 -6.55 -14.19
CA HIS A 83 -5.04 -6.96 -15.19
C HIS A 83 -3.84 -7.68 -14.55
N PHE A 84 -3.94 -8.03 -13.27
CA PHE A 84 -2.83 -8.63 -12.55
C PHE A 84 -3.36 -9.73 -11.63
N ASN A 85 -2.49 -10.68 -11.33
CA ASN A 85 -2.78 -11.75 -10.38
C ASN A 85 -2.12 -11.43 -9.04
N HIS A 86 -2.78 -11.80 -7.96
CA HIS A 86 -2.30 -11.44 -6.63
C HIS A 86 -1.05 -12.24 -6.27
N GLU A 87 0.00 -11.53 -5.87
CA GLU A 87 1.24 -12.14 -5.41
C GLU A 87 1.62 -11.53 -4.08
N GLU A 88 2.30 -12.32 -3.24
CA GLU A 88 2.61 -11.88 -1.88
C GLU A 88 3.57 -10.69 -1.85
N HIS A 89 4.47 -10.61 -2.83
CA HIS A 89 5.50 -9.57 -2.84
C HIS A 89 5.07 -8.30 -3.56
N VAL A 90 3.81 -8.20 -3.95
CA VAL A 90 3.30 -7.05 -4.69
C VAL A 90 2.26 -6.35 -3.83
N LYS A 91 2.51 -5.08 -3.51
CA LYS A 91 1.58 -4.22 -2.78
C LYS A 91 1.00 -3.18 -3.73
N TRP A 92 -0.07 -2.51 -3.28
CA TRP A 92 -0.82 -1.60 -4.13
C TRP A 92 -0.99 -0.25 -3.46
N LEU A 93 -1.02 0.80 -4.29
CA LEU A 93 -1.21 2.18 -3.85
C LEU A 93 -2.06 2.88 -4.91
N ILE A 94 -3.38 2.67 -4.85
CA ILE A 94 -4.32 3.13 -5.86
C ILE A 94 -4.76 4.55 -5.55
N GLY A 95 -4.80 5.39 -6.58
CA GLY A 95 -5.23 6.77 -6.46
C GLY A 95 -4.33 7.68 -7.29
N ASP A 96 -4.63 8.98 -7.19
CA ASP A 96 -3.75 9.99 -7.79
C ASP A 96 -2.44 10.04 -7.00
N VAL A 97 -1.33 9.74 -7.68
CA VAL A 97 -0.04 9.66 -7.00
C VAL A 97 0.40 10.99 -6.42
N GLU A 98 -0.09 12.11 -6.97
CA GLU A 98 0.21 13.42 -6.42
C GLU A 98 -0.57 13.72 -5.15
N THR A 99 -1.41 12.80 -4.69
CA THR A 99 -2.13 12.92 -3.43
C THR A 99 -1.74 11.84 -2.43
N LEU A 100 -0.80 10.97 -2.77
CA LEU A 100 -0.48 9.82 -1.94
C LEU A 100 0.90 9.97 -1.32
N GLU A 101 1.05 9.43 -0.12
CA GLU A 101 2.37 9.31 0.49
C GLU A 101 3.16 8.24 -0.25
N PHE A 102 4.41 8.55 -0.58
CA PHE A 102 5.24 7.60 -1.31
C PHE A 102 5.71 6.49 -0.37
N PRO A 103 5.86 5.27 -0.87
CA PRO A 103 6.49 4.21 -0.06
C PRO A 103 7.94 4.55 0.25
N GLN A 104 8.39 4.14 1.43
CA GLN A 104 9.68 4.57 1.96
C GLN A 104 10.81 3.64 1.55
N GLN A 105 12.03 4.18 1.56
CA GLN A 105 13.27 3.41 1.37
C GLN A 105 13.21 2.57 0.09
N LEU A 106 13.20 3.30 -1.02
CA LEU A 106 13.07 2.69 -2.33
C LEU A 106 14.43 2.60 -3.02
N ASP A 107 14.69 1.45 -3.64
CA ASP A 107 15.88 1.33 -4.47
C ASP A 107 15.69 2.03 -5.82
N MET A 108 14.47 1.98 -6.37
CA MET A 108 14.22 2.53 -7.69
C MET A 108 12.76 2.92 -7.84
N ILE A 109 12.53 4.10 -8.41
CA ILE A 109 11.19 4.54 -8.81
C ILE A 109 11.14 4.55 -10.33
N VAL A 110 10.17 3.82 -10.88
CA VAL A 110 10.07 3.60 -12.31
C VAL A 110 8.66 3.96 -12.76
N SER A 111 8.54 4.43 -14.01
CA SER A 111 7.23 4.84 -14.52
C SER A 111 7.30 4.94 -16.04
N GLY A 112 6.37 4.28 -16.73
CA GLY A 112 6.41 4.27 -18.18
C GLY A 112 5.23 4.97 -18.81
N SER A 113 5.47 6.11 -19.46
CA SER A 113 4.45 6.85 -20.20
C SER A 113 3.27 7.21 -19.30
N ALA A 114 3.58 7.84 -18.18
CA ALA A 114 2.55 8.29 -17.24
C ALA A 114 2.82 9.65 -16.61
N LEU A 115 4.07 10.13 -16.58
CA LEU A 115 4.37 11.39 -15.93
C LEU A 115 3.84 12.60 -16.69
N GLN A 116 3.48 12.44 -17.96
CA GLN A 116 2.89 13.55 -18.71
C GLN A 116 1.51 13.94 -18.21
N TRP A 117 0.88 13.14 -17.35
CA TRP A 117 -0.42 13.48 -16.79
C TRP A 117 -0.32 14.19 -15.44
N MET A 118 0.89 14.46 -14.95
CA MET A 118 1.04 15.11 -13.65
C MET A 118 0.86 16.61 -13.76
N GLN A 119 0.22 17.18 -12.74
CA GLN A 119 -0.02 18.63 -12.69
C GLN A 119 1.21 19.37 -12.16
N ASP A 120 1.75 18.92 -11.03
CA ASP A 120 2.88 19.57 -10.36
C ASP A 120 4.09 18.64 -10.40
N LEU A 121 4.86 18.75 -11.48
CA LEU A 121 6.05 17.87 -11.61
C LEU A 121 7.14 18.23 -10.63
N PRO A 122 7.52 19.49 -10.42
CA PRO A 122 8.59 19.77 -9.43
C PRO A 122 8.24 19.32 -8.03
N ARG A 123 6.96 19.35 -7.64
CA ARG A 123 6.57 18.86 -6.33
C ARG A 123 6.61 17.34 -6.26
N LEU A 124 6.39 16.66 -7.38
CA LEU A 124 6.50 15.21 -7.40
C LEU A 124 7.97 14.77 -7.31
N LEU A 125 8.87 15.51 -7.95
CA LEU A 125 10.28 15.17 -7.88
C LEU A 125 10.83 15.32 -6.46
N GLN A 126 10.25 16.23 -5.67
CA GLN A 126 10.65 16.34 -4.27
C GLN A 126 10.26 15.09 -3.49
N HIS A 127 9.11 14.48 -3.82
CA HIS A 127 8.70 13.25 -3.15
C HIS A 127 9.55 12.07 -3.58
N CYS A 128 9.93 12.02 -4.85
CA CYS A 128 10.85 10.98 -5.31
C CYS A 128 12.16 11.03 -4.55
N TYR A 129 12.68 12.24 -4.31
CA TYR A 129 13.96 12.38 -3.64
C TYR A 129 13.87 11.91 -2.19
N ALA A 130 12.78 12.23 -1.51
CA ALA A 130 12.63 11.88 -0.10
C ALA A 130 12.25 10.41 0.11
N ALA A 131 11.86 9.70 -0.95
CA ALA A 131 11.52 8.29 -0.83
C ALA A 131 12.64 7.36 -1.27
N LEU A 132 13.58 7.84 -2.08
CA LEU A 132 14.67 7.00 -2.55
C LEU A 132 15.76 6.90 -1.50
N ASN A 133 16.42 5.75 -1.47
CA ASN A 133 17.67 5.64 -0.73
C ASN A 133 18.72 6.52 -1.38
N GLU A 134 19.80 6.75 -0.65
CA GLU A 134 20.93 7.46 -1.23
C GLU A 134 21.43 6.69 -2.45
N GLN A 135 21.58 7.42 -3.56
CA GLN A 135 21.88 6.84 -4.88
C GLN A 135 20.78 5.90 -5.35
N GLY A 136 19.53 6.17 -4.95
CA GLY A 136 18.41 5.43 -5.48
C GLY A 136 18.07 5.85 -6.90
N TRP A 137 17.42 4.94 -7.63
CA TRP A 137 17.20 5.09 -9.05
C TRP A 137 15.88 5.77 -9.35
N LEU A 138 15.91 6.78 -10.23
CA LEU A 138 14.71 7.36 -10.84
C LEU A 138 14.82 7.19 -12.34
N CYS A 139 13.99 6.31 -12.90
CA CYS A 139 14.05 5.96 -14.32
C CYS A 139 12.64 5.98 -14.88
N PHE A 140 12.41 6.82 -15.89
CA PHE A 140 11.07 6.99 -16.41
C PHE A 140 11.07 7.20 -17.91
N SER A 141 9.97 6.79 -18.52
CA SER A 141 9.60 7.17 -19.88
C SER A 141 8.46 8.17 -19.81
N THR A 142 8.47 9.14 -20.72
CA THR A 142 7.36 10.10 -20.87
C THR A 142 7.36 10.61 -22.30
N PHE A 143 6.79 11.79 -22.55
CA PHE A 143 6.58 12.30 -23.90
C PHE A 143 6.95 13.77 -24.03
N GLY A 144 7.43 14.13 -25.21
CA GLY A 144 7.92 15.46 -25.47
C GLY A 144 6.91 16.37 -26.17
N PRO A 145 7.32 17.60 -26.47
CA PRO A 145 6.36 18.63 -26.89
C PRO A 145 5.67 18.36 -28.22
N LYS A 146 6.35 17.69 -29.16
CA LYS A 146 5.78 17.37 -30.45
C LYS A 146 4.96 16.08 -30.44
N ASN A 147 4.57 15.60 -29.27
CA ASN A 147 3.83 14.35 -29.16
C ASN A 147 2.43 14.53 -29.72
N LEU A 148 2.09 13.79 -30.78
CA LEU A 148 0.76 13.80 -31.37
C LEU A 148 0.36 15.21 -31.76
N ILE A 149 1.29 15.95 -32.36
CA ILE A 149 1.02 17.33 -32.77
C ILE A 149 -0.04 17.38 -33.86
N GLU A 150 -0.22 16.29 -34.62
CA GLU A 150 -1.28 16.23 -35.62
C GLU A 150 -2.65 16.31 -34.99
N ILE A 151 -2.84 15.66 -33.84
CA ILE A 151 -4.13 15.71 -33.18
C ILE A 151 -4.30 17.03 -32.42
N LYS A 152 -3.20 17.64 -31.99
CA LYS A 152 -3.28 18.93 -31.30
C LYS A 152 -3.73 20.04 -32.24
N GLU A 153 -3.22 20.05 -33.48
CA GLU A 153 -3.54 21.11 -34.42
C GLU A 153 -4.97 20.98 -34.93
N LEU A 154 -5.39 19.76 -35.29
CA LEU A 154 -6.65 19.59 -35.97
C LEU A 154 -7.84 19.57 -35.01
N THR A 155 -7.63 19.26 -33.74
CA THR A 155 -8.70 19.22 -32.76
C THR A 155 -8.54 20.22 -31.62
N GLY A 156 -7.40 20.88 -31.51
CA GLY A 156 -7.18 21.82 -30.43
C GLY A 156 -7.09 21.20 -29.06
N GLN A 157 -6.66 19.94 -28.98
CA GLN A 157 -6.60 19.22 -27.71
C GLN A 157 -5.29 18.44 -27.62
N GLY A 158 -4.74 18.38 -26.41
CA GLY A 158 -3.49 17.69 -26.18
C GLY A 158 -3.01 17.83 -24.75
N LEU A 159 -1.71 18.00 -24.57
CA LEU A 159 -1.14 18.16 -23.23
C LEU A 159 0.03 19.12 -23.30
N ASN A 160 0.41 19.63 -22.12
CA ASN A 160 1.61 20.46 -21.98
C ASN A 160 2.78 19.55 -21.64
N TYR A 161 3.72 19.42 -22.57
CA TYR A 161 4.84 18.49 -22.42
C TYR A 161 6.14 19.25 -22.15
N TRP A 162 6.92 18.76 -21.18
CA TRP A 162 8.24 19.31 -20.93
C TRP A 162 9.25 18.76 -21.93
N ASN A 163 10.25 19.58 -22.24
CA ASN A 163 11.34 19.15 -23.12
C ASN A 163 12.55 18.74 -22.27
N LEU A 164 13.67 18.46 -22.94
CA LEU A 164 14.77 17.77 -22.27
C LEU A 164 15.40 18.62 -21.17
N GLU A 165 15.71 19.88 -21.47
CA GLU A 165 16.43 20.74 -20.53
C GLU A 165 15.53 21.40 -19.50
N ASN A 166 14.21 21.36 -19.70
CA ASN A 166 13.30 21.61 -18.59
C ASN A 166 13.28 20.43 -17.64
N TRP A 167 13.39 19.22 -18.17
CA TRP A 167 13.60 18.05 -17.32
C TRP A 167 14.97 18.08 -16.69
N ASN A 168 16.01 18.37 -17.48
CA ASN A 168 17.37 18.45 -16.96
C ASN A 168 17.46 19.48 -15.84
N SER A 169 16.76 20.60 -15.97
CA SER A 169 16.82 21.63 -14.93
C SER A 169 16.07 21.22 -13.68
N ALA A 170 14.91 20.58 -13.85
CA ALA A 170 14.08 20.23 -12.68
C ALA A 170 14.68 19.07 -11.91
N LEU A 171 15.34 18.13 -12.59
CA LEU A 171 15.94 17.00 -11.90
C LEU A 171 17.17 17.45 -11.10
N THR A 172 18.01 18.29 -11.69
CA THR A 172 19.23 18.72 -11.01
C THR A 172 18.91 19.48 -9.73
N GLN A 173 17.93 20.39 -9.79
CA GLN A 173 17.58 21.18 -8.62
C GLN A 173 16.75 20.40 -7.61
N ALA A 174 16.17 19.27 -8.00
CA ALA A 174 15.51 18.41 -7.03
C ALA A 174 16.48 17.51 -6.28
N GLY A 175 17.75 17.47 -6.69
CA GLY A 175 18.74 16.64 -6.05
C GLY A 175 19.15 15.41 -6.83
N PHE A 176 18.91 15.38 -8.13
CA PHE A 176 19.16 14.19 -8.94
C PHE A 176 20.31 14.45 -9.91
N GLU A 177 21.10 13.41 -10.14
CA GLU A 177 22.15 13.40 -11.14
C GLU A 177 21.67 12.56 -12.32
N ILE A 178 21.90 13.05 -13.53
CA ILE A 178 21.34 12.43 -14.73
C ILE A 178 22.41 11.56 -15.36
N LEU A 179 22.13 10.26 -15.45
CA LEU A 179 23.04 9.34 -16.12
C LEU A 179 22.69 9.13 -17.59
N HIS A 180 21.41 9.28 -17.94
CA HIS A 180 20.95 9.07 -19.31
C HIS A 180 19.72 9.93 -19.56
N LEU A 181 19.73 10.67 -20.66
CA LEU A 181 18.64 11.59 -21.00
C LEU A 181 18.55 11.69 -22.52
N ALA A 182 17.47 11.19 -23.10
CA ALA A 182 17.33 11.10 -24.55
C ALA A 182 15.88 11.34 -24.96
N GLN A 183 15.69 11.46 -26.27
CA GLN A 183 14.37 11.66 -26.87
C GLN A 183 14.41 11.15 -28.30
N SER A 184 13.22 10.79 -28.81
CA SER A 184 13.12 10.35 -30.20
C SER A 184 11.83 10.89 -30.78
N GLU A 185 11.83 11.05 -32.11
CA GLU A 185 10.65 11.48 -32.85
C GLU A 185 10.33 10.40 -33.86
N THR A 186 9.10 9.88 -33.82
CA THR A 186 8.64 8.85 -34.74
C THR A 186 7.43 9.36 -35.50
N GLN A 187 7.49 9.33 -36.83
CA GLN A 187 6.34 9.62 -37.67
C GLN A 187 5.87 8.31 -38.28
N LEU A 188 4.64 7.92 -37.95
CA LEU A 188 3.99 6.77 -38.55
C LEU A 188 3.19 7.24 -39.75
N TYR A 189 3.27 6.52 -40.86
CA TYR A 189 2.60 6.90 -42.10
C TYR A 189 1.44 5.94 -42.38
N PHE A 190 0.23 6.36 -42.02
CA PHE A 190 -0.97 5.59 -42.29
C PHE A 190 -1.46 5.85 -43.71
N ASP A 191 -2.29 4.91 -44.21
CA ASP A 191 -2.81 4.98 -45.57
C ASP A 191 -3.88 6.04 -45.73
N SER A 192 -4.60 6.36 -44.66
CA SER A 192 -5.68 7.33 -44.72
C SER A 192 -5.91 7.86 -43.30
N PRO A 193 -6.48 9.07 -43.19
CA PRO A 193 -6.82 9.58 -41.84
C PRO A 193 -7.75 8.68 -41.05
N LYS A 194 -8.53 7.82 -41.73
CA LYS A 194 -9.40 6.89 -41.01
C LYS A 194 -8.57 5.88 -40.23
N ALA A 195 -7.47 5.42 -40.81
CA ALA A 195 -6.56 4.51 -40.10
C ALA A 195 -5.92 5.20 -38.90
N VAL A 196 -5.75 6.52 -38.95
CA VAL A 196 -5.20 7.23 -37.81
C VAL A 196 -6.19 7.21 -36.65
N LEU A 197 -7.48 7.44 -36.93
CA LEU A 197 -8.49 7.39 -35.88
C LEU A 197 -8.66 5.96 -35.36
N GLN A 198 -8.68 4.98 -36.25
CA GLN A 198 -8.76 3.59 -35.82
C GLN A 198 -7.57 3.21 -34.94
N HIS A 199 -6.38 3.72 -35.28
CA HIS A 199 -5.21 3.44 -34.46
C HIS A 199 -5.32 4.07 -33.08
N LEU A 200 -5.82 5.30 -33.01
CA LEU A 200 -5.94 5.99 -31.73
C LEU A 200 -6.94 5.31 -30.80
N LYS A 201 -8.00 4.71 -31.36
CA LYS A 201 -8.98 4.04 -30.51
C LYS A 201 -8.52 2.62 -30.16
N ALA A 202 -7.86 1.94 -31.08
CA ALA A 202 -7.44 0.57 -30.83
C ALA A 202 -6.42 0.51 -29.70
N THR A 203 -5.48 1.46 -29.66
CA THR A 203 -4.49 1.51 -28.59
C THR A 203 -4.99 2.16 -27.31
N GLY A 204 -6.26 2.57 -27.29
CA GLY A 204 -6.83 3.14 -26.08
C GLY A 204 -6.48 4.58 -25.82
N VAL A 205 -6.18 5.36 -26.85
CA VAL A 205 -5.97 6.79 -26.65
C VAL A 205 -7.30 7.53 -26.62
N THR A 206 -8.23 7.14 -27.49
CA THR A 206 -9.56 7.76 -27.53
C THR A 206 -10.54 6.99 -26.65
N TRP A 213 -18.98 14.31 -32.07
CA TRP A 213 -19.41 14.44 -33.46
C TRP A 213 -19.18 13.15 -34.24
N THR A 214 -19.76 13.08 -35.43
CA THR A 214 -19.52 11.98 -36.36
C THR A 214 -19.37 12.49 -37.79
N LYS A 215 -20.11 11.86 -38.71
CA LYS A 215 -19.96 12.01 -40.16
C LYS A 215 -19.65 13.43 -40.63
N GLN A 216 -20.21 14.45 -39.97
CA GLN A 216 -19.97 15.83 -40.35
C GLN A 216 -18.53 16.23 -40.05
N SER A 217 -18.22 16.42 -38.77
CA SER A 217 -16.86 16.80 -38.39
C SER A 217 -15.85 15.70 -38.69
N LEU A 218 -16.29 14.45 -38.79
CA LEU A 218 -15.39 13.36 -39.14
C LEU A 218 -14.92 13.44 -40.58
N GLN A 219 -15.66 14.16 -41.44
CA GLN A 219 -15.26 14.28 -42.84
C GLN A 219 -14.29 15.43 -43.06
N GLN A 220 -14.54 16.57 -42.42
CA GLN A 220 -13.63 17.70 -42.56
C GLN A 220 -12.32 17.44 -41.82
N PHE A 221 -12.36 16.64 -40.76
CA PHE A 221 -11.10 16.19 -40.14
C PHE A 221 -10.28 15.37 -41.11
N TYR A 222 -10.94 14.62 -42.01
CA TYR A 222 -10.20 13.86 -43.02
C TYR A 222 -9.55 14.78 -44.03
N GLN A 223 -10.25 15.87 -44.42
CA GLN A 223 -9.67 16.82 -45.36
C GLN A 223 -8.60 17.68 -44.70
N ASP A 224 -8.81 18.05 -43.44
CA ASP A 224 -7.79 18.80 -42.70
C ASP A 224 -6.48 18.03 -42.63
N TYR A 225 -6.54 16.71 -42.51
CA TYR A 225 -5.34 15.89 -42.38
C TYR A 225 -4.49 15.88 -43.64
N ASP A 226 -5.00 16.37 -44.77
CA ASP A 226 -4.21 16.44 -46.00
C ASP A 226 -2.95 17.27 -45.82
N ARG A 227 -2.91 18.15 -44.82
CA ARG A 227 -1.70 18.92 -44.54
C ARG A 227 -0.56 18.05 -44.00
N PHE A 228 -0.84 16.80 -43.63
CA PHE A 228 0.15 15.90 -43.05
C PHE A 228 0.38 14.67 -43.91
N LYS A 229 0.07 14.73 -45.20
CA LYS A 229 0.21 13.58 -46.09
C LYS A 229 1.57 13.60 -46.74
N HIS A 230 2.39 12.60 -46.41
CA HIS A 230 3.65 12.39 -47.11
C HIS A 230 3.44 11.37 -48.23
N THR A 231 4.47 11.21 -49.05
CA THR A 231 4.42 10.22 -50.12
C THR A 231 4.21 8.81 -49.59
N GLU A 232 4.62 8.54 -48.36
CA GLU A 232 4.43 7.24 -47.74
C GLU A 232 3.10 7.10 -47.01
N GLY A 233 2.36 8.19 -46.82
CA GLY A 233 1.07 8.16 -46.17
C GLY A 233 0.88 9.36 -45.27
N TYR A 234 -0.14 9.28 -44.42
CA TYR A 234 -0.51 10.37 -43.51
C TYR A 234 0.21 10.18 -42.18
N SER A 235 0.84 11.25 -41.68
CA SER A 235 1.74 11.13 -40.56
C SER A 235 1.00 11.19 -39.22
N LEU A 236 1.60 10.55 -38.22
CA LEU A 236 1.21 10.69 -36.81
C LEU A 236 2.47 10.60 -35.98
N THR A 237 2.72 11.62 -35.17
CA THR A 237 4.00 11.80 -34.52
C THR A 237 3.96 11.32 -33.06
N TYR A 238 4.97 10.55 -32.68
CA TYR A 238 5.21 10.19 -31.29
C TYR A 238 6.54 10.78 -30.86
N HIS A 239 6.60 11.24 -29.60
CA HIS A 239 7.78 11.94 -29.07
C HIS A 239 8.10 11.42 -27.68
N PRO A 240 8.58 10.19 -27.56
CA PRO A 240 8.94 9.65 -26.25
C PRO A 240 10.21 10.30 -25.71
N ILE A 241 10.26 10.42 -24.38
CA ILE A 241 11.43 10.91 -23.66
C ILE A 241 11.85 9.85 -22.65
N TYR A 242 13.14 9.52 -22.62
CA TYR A 242 13.71 8.56 -21.70
C TYR A 242 14.71 9.24 -20.78
N CYS A 243 14.78 8.77 -19.54
CA CYS A 243 15.68 9.37 -18.57
C CYS A 243 16.04 8.36 -17.50
N ILE A 244 17.34 8.15 -17.29
CA ILE A 244 17.88 7.34 -16.20
C ILE A 244 18.59 8.29 -15.25
N ALA A 245 18.06 8.44 -14.04
CA ALA A 245 18.62 9.33 -13.04
C ALA A 245 18.87 8.59 -11.74
N ARG A 246 19.73 9.16 -10.91
CA ARG A 246 20.10 8.58 -9.64
C ARG A 246 20.14 9.67 -8.57
N ARG A 247 19.71 9.32 -7.35
CA ARG A 247 19.67 10.30 -6.27
C ARG A 247 21.08 10.74 -5.91
N MET A 248 21.28 12.06 -5.86
CA MET A 248 22.61 12.63 -5.64
C MET A 248 22.79 13.01 -4.17
N ASN B 6 -1.43 -4.33 -40.40
CA ASN B 6 -0.82 -4.23 -39.08
C ASN B 6 0.47 -3.41 -39.14
N LEU B 7 1.19 -3.52 -40.26
CA LEU B 7 2.49 -2.88 -40.42
C LEU B 7 2.32 -1.49 -41.02
N VAL B 8 3.16 -0.56 -40.56
CA VAL B 8 3.08 0.85 -40.97
C VAL B 8 4.49 1.39 -41.13
N ALA B 9 4.74 2.05 -42.26
CA ALA B 9 6.04 2.66 -42.53
C ALA B 9 6.28 3.85 -41.60
N GLN B 10 7.55 4.10 -41.30
CA GLN B 10 7.89 5.14 -40.34
C GLN B 10 9.26 5.72 -40.62
N ARG B 11 9.46 6.94 -40.13
CA ARG B 11 10.76 7.61 -40.08
C ARG B 11 11.01 8.04 -38.64
N PHE B 12 12.25 7.91 -38.17
CA PHE B 12 12.55 8.22 -36.78
C PHE B 12 13.87 8.96 -36.67
N ALA B 13 14.04 9.65 -35.55
CA ALA B 13 15.25 10.40 -35.25
C ALA B 13 15.43 10.45 -33.74
N LYS B 14 16.60 10.03 -33.26
CA LYS B 14 16.88 9.92 -31.84
C LYS B 14 18.13 10.71 -31.50
N ALA B 15 18.22 11.15 -30.23
CA ALA B 15 19.34 11.93 -29.74
C ALA B 15 19.29 11.96 -28.22
N GLY B 16 20.47 12.02 -27.60
CA GLY B 16 20.55 12.06 -26.16
C GLY B 16 21.98 12.05 -25.68
N GLN B 17 22.12 12.26 -24.37
CA GLN B 17 23.41 12.22 -23.68
C GLN B 17 23.41 11.07 -22.68
N SER B 18 24.50 10.31 -22.65
CA SER B 18 24.52 9.05 -21.93
C SER B 18 25.89 8.82 -21.28
N TYR B 19 26.00 7.67 -20.62
CA TYR B 19 27.25 7.15 -20.08
C TYR B 19 27.40 5.71 -20.55
N SER B 20 28.60 5.35 -21.00
CA SER B 20 28.88 4.03 -21.53
C SER B 20 30.06 3.41 -20.79
N LYS B 21 30.05 2.08 -20.68
CA LYS B 21 31.18 1.36 -20.11
C LYS B 21 32.38 1.32 -21.05
N HIS B 22 32.23 1.85 -22.27
CA HIS B 22 33.27 2.05 -23.28
C HIS B 22 33.95 0.75 -23.74
N ALA B 23 34.18 -0.19 -22.83
CA ALA B 23 34.67 -1.49 -23.25
C ALA B 23 33.57 -2.39 -23.79
N ILE B 24 32.30 -1.97 -23.67
CA ILE B 24 31.14 -2.76 -24.06
C ILE B 24 30.64 -2.43 -25.46
N VAL B 25 31.27 -1.46 -26.15
CA VAL B 25 30.63 -0.79 -27.28
C VAL B 25 30.23 -1.77 -28.38
N GLN B 26 31.09 -2.75 -28.66
CA GLN B 26 30.83 -3.62 -29.81
C GLN B 26 29.75 -4.65 -29.52
N LYS B 27 29.66 -5.13 -28.27
CA LYS B 27 28.63 -6.10 -27.93
C LYS B 27 27.25 -5.45 -27.89
N GLN B 28 27.16 -4.17 -27.53
CA GLN B 28 25.86 -3.50 -27.51
C GLN B 28 25.34 -3.25 -28.92
N ILE B 29 26.24 -3.15 -29.90
CA ILE B 29 25.81 -3.05 -31.30
C ILE B 29 25.17 -4.36 -31.74
N CYS B 30 25.73 -5.49 -31.32
CA CYS B 30 25.08 -6.78 -31.56
C CYS B 30 23.75 -6.87 -30.82
N GLN B 31 23.67 -6.28 -29.62
CA GLN B 31 22.40 -6.28 -28.90
C GLN B 31 21.35 -5.45 -29.64
N ASN B 32 21.76 -4.33 -30.24
CA ASN B 32 20.82 -3.51 -30.98
C ASN B 32 20.36 -4.21 -32.27
N LEU B 33 21.28 -4.88 -32.96
CA LEU B 33 20.91 -5.61 -34.16
C LEU B 33 19.96 -6.76 -33.81
N THR B 34 20.18 -7.43 -32.69
CA THR B 34 19.31 -8.54 -32.29
C THR B 34 17.91 -8.06 -31.94
N ASN B 35 17.78 -6.84 -31.42
CA ASN B 35 16.45 -6.27 -31.19
C ASN B 35 15.70 -6.15 -32.50
N LEU B 36 16.38 -5.68 -33.56
CA LEU B 36 15.73 -5.54 -34.86
C LEU B 36 15.36 -6.89 -35.45
N LEU B 37 16.09 -7.96 -35.09
CA LEU B 37 15.74 -9.28 -35.58
C LEU B 37 14.46 -9.79 -34.90
N LYS B 38 14.34 -9.59 -33.59
CA LYS B 38 13.14 -10.00 -32.87
C LYS B 38 11.91 -9.21 -33.34
N GLN B 39 12.12 -8.01 -33.88
CA GLN B 39 11.00 -7.21 -34.36
C GLN B 39 10.42 -7.78 -35.63
N PHE B 40 11.27 -8.05 -36.63
CA PHE B 40 10.80 -8.37 -37.97
C PHE B 40 10.71 -9.87 -38.23
N CYS B 41 11.67 -10.66 -37.71
CA CYS B 41 11.78 -12.05 -38.12
C CYS B 41 11.04 -12.98 -37.16
N PRO B 42 10.47 -14.06 -37.68
CA PRO B 42 9.71 -14.98 -36.81
C PRO B 42 10.61 -15.75 -35.87
N SER B 43 10.03 -16.18 -34.75
CA SER B 43 10.78 -16.87 -33.72
C SER B 43 11.52 -18.09 -34.26
N ALA B 44 10.91 -18.81 -35.19
CA ALA B 44 11.45 -20.06 -35.70
C ALA B 44 11.99 -19.86 -37.12
N MET B 45 13.22 -20.30 -37.33
CA MET B 45 13.85 -20.34 -38.65
C MET B 45 14.59 -21.65 -38.80
N SER B 46 14.84 -22.04 -40.04
CA SER B 46 15.39 -23.37 -40.30
C SER B 46 16.88 -23.34 -40.59
N ARG B 47 17.31 -22.48 -41.51
CA ARG B 47 18.71 -22.43 -41.93
C ARG B 47 19.18 -20.98 -41.93
N VAL B 48 20.31 -20.72 -41.28
CA VAL B 48 20.87 -19.38 -41.10
C VAL B 48 22.38 -19.43 -41.38
N PHE B 49 22.90 -18.33 -41.92
CA PHE B 49 24.31 -18.21 -42.25
C PHE B 49 24.85 -16.91 -41.66
N GLU B 50 25.86 -17.02 -40.79
CA GLU B 50 26.47 -15.87 -40.16
C GLU B 50 27.87 -15.62 -40.74
N ILE B 51 28.09 -14.40 -41.22
CA ILE B 51 29.37 -13.99 -41.81
C ILE B 51 30.12 -13.16 -40.78
N GLY B 52 31.39 -13.47 -40.56
CA GLY B 52 32.20 -12.79 -39.58
C GLY B 52 31.67 -12.95 -38.17
N CYS B 53 31.67 -14.19 -37.65
CA CYS B 53 31.13 -14.44 -36.32
C CYS B 53 32.08 -14.02 -35.20
N GLY B 54 33.39 -14.05 -35.45
CA GLY B 54 34.34 -13.53 -34.45
C GLY B 54 34.29 -14.32 -33.16
N SER B 55 34.26 -13.60 -32.04
CA SER B 55 34.16 -14.24 -30.72
C SER B 55 32.75 -14.77 -30.43
N GLY B 56 31.76 -14.50 -31.28
CA GLY B 56 30.47 -15.13 -31.12
C GLY B 56 29.49 -14.37 -30.23
N ASN B 57 29.60 -13.04 -30.21
CA ASN B 57 28.70 -12.23 -29.38
C ASN B 57 27.32 -12.16 -29.99
N LEU B 58 27.25 -12.18 -31.34
CA LEU B 58 25.97 -12.19 -32.02
C LEU B 58 25.38 -13.59 -32.08
N THR B 59 26.22 -14.61 -32.24
CA THR B 59 25.72 -15.98 -32.38
C THR B 59 25.02 -16.45 -31.11
N ARG B 60 25.57 -16.11 -29.94
CA ARG B 60 24.92 -16.51 -28.69
C ARG B 60 23.61 -15.74 -28.48
N LEU B 61 23.54 -14.50 -28.96
CA LEU B 61 22.27 -13.78 -28.92
C LEU B 61 21.29 -14.34 -29.95
N LEU B 62 21.80 -14.80 -31.09
CA LEU B 62 20.95 -15.43 -32.11
C LEU B 62 20.28 -16.68 -31.56
N VAL B 63 21.08 -17.60 -31.02
CA VAL B 63 20.57 -18.91 -30.64
C VAL B 63 19.66 -18.82 -29.41
N GLU B 64 19.92 -17.87 -28.51
CA GLU B 64 19.12 -17.75 -27.31
C GLU B 64 17.80 -17.02 -27.55
N SER B 65 17.63 -16.40 -28.72
CA SER B 65 16.39 -15.70 -29.06
C SER B 65 15.63 -16.32 -30.21
N PHE B 66 16.27 -17.14 -31.05
CA PHE B 66 15.61 -17.80 -32.15
C PHE B 66 15.77 -19.32 -32.00
N GLN B 67 14.89 -20.06 -32.67
CA GLN B 67 14.94 -21.52 -32.71
C GLN B 67 15.34 -21.92 -34.12
N ILE B 68 16.62 -22.24 -34.31
CA ILE B 68 17.17 -22.57 -35.62
C ILE B 68 17.62 -24.02 -35.62
N GLU B 69 17.46 -24.68 -36.76
CA GLU B 69 17.83 -26.08 -36.92
C GLU B 69 19.19 -26.27 -37.59
N ASN B 70 19.55 -25.42 -38.53
CA ASN B 70 20.83 -25.50 -39.22
C ASN B 70 21.52 -24.15 -39.17
N LEU B 71 22.76 -24.14 -38.67
CA LEU B 71 23.52 -22.90 -38.47
C LEU B 71 24.89 -23.06 -39.13
N VAL B 72 25.23 -22.13 -40.01
CA VAL B 72 26.53 -22.09 -40.66
C VAL B 72 27.24 -20.83 -40.18
N LEU B 73 28.44 -21.00 -39.62
CA LEU B 73 29.23 -19.89 -39.09
C LEU B 73 30.42 -19.63 -40.01
N ASN B 74 30.67 -18.36 -40.30
CA ASN B 74 31.78 -17.99 -41.17
C ASN B 74 32.66 -16.94 -40.50
N ASP B 75 33.97 -17.12 -40.61
CA ASP B 75 34.97 -16.16 -40.20
C ASP B 75 36.30 -16.62 -40.76
N LEU B 76 37.31 -15.75 -40.63
CA LEU B 76 38.66 -16.16 -41.01
C LEU B 76 39.29 -17.09 -39.99
N TYR B 77 38.75 -17.13 -38.76
CA TYR B 77 39.27 -18.00 -37.72
C TYR B 77 38.11 -18.47 -36.84
N ALA B 78 38.25 -19.65 -36.26
CA ALA B 78 37.22 -20.24 -35.40
C ALA B 78 37.60 -19.96 -33.95
N GLU B 79 37.35 -18.73 -33.52
CA GLU B 79 37.68 -18.27 -32.17
C GLU B 79 36.44 -17.97 -31.35
N VAL B 80 35.41 -18.83 -31.46
CA VAL B 80 34.17 -18.65 -30.71
C VAL B 80 34.19 -19.40 -29.38
N GLN B 81 35.13 -20.32 -29.18
CA GLN B 81 35.26 -21.07 -27.93
C GLN B 81 35.45 -20.14 -26.73
N HIS B 86 22.61 -28.21 -30.49
CA HIS B 86 23.49 -29.32 -30.82
C HIS B 86 24.77 -28.82 -31.45
N GLU B 87 25.61 -29.76 -31.88
CA GLU B 87 26.86 -29.44 -32.55
C GLU B 87 26.88 -29.86 -34.01
N GLU B 88 26.22 -30.98 -34.35
CA GLU B 88 26.05 -31.36 -35.75
C GLU B 88 25.15 -30.38 -36.52
N HIS B 89 24.45 -29.50 -35.81
CA HIS B 89 23.64 -28.47 -36.44
C HIS B 89 24.43 -27.21 -36.76
N VAL B 90 25.55 -26.98 -36.09
CA VAL B 90 26.41 -25.82 -36.34
C VAL B 90 27.62 -26.30 -37.14
N LYS B 91 27.79 -25.73 -38.33
CA LYS B 91 28.89 -26.10 -39.22
C LYS B 91 29.77 -24.89 -39.50
N TRP B 92 31.01 -25.16 -39.87
CA TRP B 92 32.06 -24.15 -39.93
C TRP B 92 32.52 -23.96 -41.37
N LEU B 93 32.33 -22.75 -41.89
CA LEU B 93 32.87 -22.33 -43.18
C LEU B 93 33.92 -21.26 -42.88
N ILE B 94 35.18 -21.60 -43.10
CA ILE B 94 36.30 -20.77 -42.65
C ILE B 94 37.11 -20.30 -43.84
N GLY B 95 37.50 -19.03 -43.82
CA GLY B 95 38.18 -18.36 -44.91
C GLY B 95 37.54 -17.03 -45.23
N ASP B 96 38.21 -16.30 -46.13
CA ASP B 96 37.62 -15.10 -46.71
C ASP B 96 36.30 -15.43 -47.39
N VAL B 97 35.22 -14.77 -46.93
CA VAL B 97 33.88 -15.12 -47.38
C VAL B 97 33.69 -14.80 -48.85
N GLU B 98 34.44 -13.81 -49.35
CA GLU B 98 34.45 -13.55 -50.78
C GLU B 98 35.15 -14.64 -51.58
N THR B 99 35.82 -15.61 -50.93
CA THR B 99 36.37 -16.74 -51.66
C THR B 99 35.47 -17.96 -51.64
N LEU B 100 34.47 -18.02 -50.78
CA LEU B 100 33.75 -19.25 -50.51
C LEU B 100 32.40 -19.31 -51.22
N GLU B 101 31.90 -20.55 -51.40
CA GLU B 101 30.57 -20.78 -51.94
C GLU B 101 29.57 -20.85 -50.80
N PHE B 102 28.49 -20.09 -50.93
CA PHE B 102 27.54 -19.96 -49.84
C PHE B 102 26.73 -21.24 -49.66
N PRO B 103 26.32 -21.53 -48.42
CA PRO B 103 25.27 -22.53 -48.22
C PRO B 103 23.98 -22.05 -48.87
N GLN B 104 23.20 -23.00 -49.36
CA GLN B 104 22.03 -22.70 -50.17
C GLN B 104 20.74 -22.89 -49.38
N GLN B 105 19.65 -22.32 -49.94
CA GLN B 105 18.31 -22.43 -49.37
C GLN B 105 18.26 -21.93 -47.93
N LEU B 106 18.74 -20.70 -47.74
CA LEU B 106 18.84 -20.12 -46.41
C LEU B 106 17.60 -19.29 -46.08
N ASP B 107 17.19 -19.33 -44.81
CA ASP B 107 16.12 -18.47 -44.33
C ASP B 107 16.64 -17.07 -44.01
N MET B 108 17.92 -16.94 -43.68
CA MET B 108 18.46 -15.67 -43.20
C MET B 108 19.98 -15.70 -43.30
N ILE B 109 20.54 -14.59 -43.77
CA ILE B 109 21.97 -14.32 -43.67
C ILE B 109 22.15 -13.12 -42.74
N VAL B 110 22.86 -13.33 -41.62
CA VAL B 110 23.14 -12.27 -40.66
C VAL B 110 24.64 -12.01 -40.62
N SER B 111 25.00 -10.73 -40.53
CA SER B 111 26.39 -10.33 -40.36
C SER B 111 26.47 -9.21 -39.33
N GLY B 112 27.57 -9.19 -38.59
CA GLY B 112 27.75 -8.17 -37.58
C GLY B 112 29.16 -7.61 -37.57
N SER B 113 29.28 -6.30 -37.85
CA SER B 113 30.55 -5.58 -37.76
C SER B 113 31.64 -6.20 -38.64
N ALA B 114 31.25 -6.70 -39.82
CA ALA B 114 32.19 -7.43 -40.67
C ALA B 114 32.14 -7.00 -42.13
N LEU B 115 30.99 -6.54 -42.60
CA LEU B 115 30.85 -6.25 -44.03
C LEU B 115 31.72 -5.09 -44.48
N GLN B 116 32.19 -4.25 -43.54
CA GLN B 116 33.06 -3.14 -43.92
C GLN B 116 34.42 -3.61 -44.44
N TRP B 117 34.81 -4.86 -44.15
CA TRP B 117 36.08 -5.38 -44.64
C TRP B 117 36.00 -5.92 -46.06
N MET B 118 34.81 -5.99 -46.64
CA MET B 118 34.65 -6.57 -47.97
C MET B 118 35.20 -5.65 -49.05
N GLN B 119 35.76 -6.24 -50.10
CA GLN B 119 36.32 -5.48 -51.20
C GLN B 119 35.35 -5.27 -52.35
N ASP B 120 34.48 -6.25 -52.63
CA ASP B 120 33.47 -6.15 -53.70
C ASP B 120 32.12 -6.54 -53.11
N LEU B 121 31.43 -5.56 -52.53
CA LEU B 121 30.13 -5.76 -51.92
C LEU B 121 29.03 -6.07 -52.95
N PRO B 122 29.00 -5.39 -54.11
CA PRO B 122 27.98 -5.77 -55.10
C PRO B 122 28.04 -7.24 -55.50
N ARG B 123 29.24 -7.76 -55.72
CA ARG B 123 29.37 -9.17 -56.09
C ARG B 123 28.96 -10.08 -54.94
N LEU B 124 29.29 -9.70 -53.70
CA LEU B 124 28.92 -10.51 -52.55
C LEU B 124 27.40 -10.54 -52.35
N LEU B 125 26.73 -9.42 -52.65
CA LEU B 125 25.28 -9.40 -52.53
C LEU B 125 24.60 -10.24 -53.61
N GLN B 126 25.30 -10.52 -54.72
CA GLN B 126 24.79 -11.48 -55.69
C GLN B 126 24.76 -12.88 -55.09
N HIS B 127 25.77 -13.23 -54.29
CA HIS B 127 25.77 -14.51 -53.61
C HIS B 127 24.70 -14.58 -52.53
N CYS B 128 24.41 -13.44 -51.90
CA CYS B 128 23.35 -13.38 -50.90
C CYS B 128 22.00 -13.65 -51.53
N TYR B 129 21.78 -13.13 -52.74
CA TYR B 129 20.49 -13.27 -53.42
C TYR B 129 20.23 -14.71 -53.82
N ALA B 130 21.21 -15.34 -54.48
CA ALA B 130 21.00 -16.71 -54.98
C ALA B 130 20.88 -17.72 -53.85
N ALA B 131 21.64 -17.53 -52.76
CA ALA B 131 21.62 -18.49 -51.66
C ALA B 131 20.35 -18.40 -50.82
N LEU B 132 19.68 -17.25 -50.81
CA LEU B 132 18.52 -17.04 -49.98
C LEU B 132 17.25 -17.55 -50.66
N ASN B 133 16.30 -18.00 -49.84
CA ASN B 133 14.98 -18.32 -50.36
C ASN B 133 14.25 -17.05 -50.76
N GLU B 134 13.10 -17.22 -51.41
CA GLU B 134 12.27 -16.07 -51.75
C GLU B 134 11.75 -15.44 -50.47
N GLN B 135 11.82 -14.10 -50.40
CA GLN B 135 11.56 -13.35 -49.18
C GLN B 135 12.45 -13.80 -48.03
N GLY B 136 13.65 -14.29 -48.36
CA GLY B 136 14.63 -14.59 -47.33
C GLY B 136 15.24 -13.33 -46.76
N TRP B 137 15.60 -13.40 -45.49
CA TRP B 137 16.05 -12.23 -44.75
C TRP B 137 17.55 -12.02 -44.90
N LEU B 138 17.94 -10.77 -45.14
CA LEU B 138 19.34 -10.36 -45.15
C LEU B 138 19.47 -9.22 -44.15
N CYS B 139 20.09 -9.48 -43.01
CA CYS B 139 20.17 -8.50 -41.93
C CYS B 139 21.60 -8.38 -41.45
N PHE B 140 22.08 -7.14 -41.34
CA PHE B 140 23.48 -6.94 -41.03
C PHE B 140 23.65 -5.59 -40.33
N SER B 141 24.76 -5.48 -39.61
CA SER B 141 25.21 -4.21 -39.07
C SER B 141 26.60 -3.96 -39.64
N THR B 142 26.85 -2.74 -40.10
CA THR B 142 28.18 -2.36 -40.53
C THR B 142 28.53 -0.98 -39.99
N PHE B 143 29.33 -0.21 -40.71
CA PHE B 143 29.72 1.11 -40.23
C PHE B 143 29.74 2.11 -41.38
N GLY B 144 29.47 3.36 -41.04
CA GLY B 144 29.46 4.43 -42.01
C GLY B 144 30.77 5.19 -42.07
N PRO B 145 30.81 6.24 -42.91
CA PRO B 145 32.09 6.90 -43.22
C PRO B 145 32.76 7.59 -42.03
N LYS B 146 32.04 7.88 -40.95
CA LYS B 146 32.60 8.63 -39.84
C LYS B 146 33.03 7.73 -38.69
N ASN B 147 33.17 6.43 -38.94
CA ASN B 147 33.55 5.49 -37.89
C ASN B 147 35.05 5.58 -37.63
N LEU B 148 35.40 5.94 -36.39
CA LEU B 148 36.79 6.12 -35.97
C LEU B 148 37.51 7.12 -36.87
N ILE B 149 36.79 8.18 -37.25
CA ILE B 149 37.36 9.17 -38.17
C ILE B 149 38.45 10.00 -37.51
N GLU B 150 38.46 10.11 -36.18
CA GLU B 150 39.57 10.75 -35.51
C GLU B 150 40.88 10.02 -35.78
N ILE B 151 40.84 8.69 -35.74
CA ILE B 151 42.05 7.92 -36.06
C ILE B 151 42.39 8.03 -37.53
N LYS B 152 41.39 8.21 -38.40
CA LYS B 152 41.66 8.35 -39.82
C LYS B 152 42.38 9.65 -40.14
N GLU B 153 42.02 10.75 -39.45
CA GLU B 153 42.64 12.03 -39.74
C GLU B 153 44.07 12.09 -39.23
N LEU B 154 44.30 11.59 -38.01
CA LEU B 154 45.60 11.75 -37.35
C LEU B 154 46.62 10.71 -37.77
N THR B 155 46.19 9.53 -38.24
CA THR B 155 47.12 8.49 -38.63
C THR B 155 47.06 8.16 -40.12
N GLY B 156 46.11 8.74 -40.86
CA GLY B 156 45.99 8.42 -42.28
C GLY B 156 45.61 6.99 -42.58
N GLN B 157 44.96 6.31 -41.63
CA GLN B 157 44.61 4.91 -41.79
C GLN B 157 43.15 4.69 -41.46
N GLY B 158 42.56 3.70 -42.11
CA GLY B 158 41.15 3.41 -41.95
C GLY B 158 40.56 2.91 -43.25
N LEU B 159 39.29 2.52 -43.15
CA LEU B 159 38.57 1.97 -44.29
C LEU B 159 37.72 3.06 -44.94
N ASN B 160 37.44 2.86 -46.23
CA ASN B 160 36.51 3.72 -46.97
C ASN B 160 35.14 3.08 -46.87
N TYR B 161 34.25 3.71 -46.12
CA TYR B 161 32.94 3.13 -45.81
C TYR B 161 31.88 3.60 -46.80
N TRP B 162 30.84 2.79 -46.94
CA TRP B 162 29.63 3.17 -47.65
C TRP B 162 28.68 3.91 -46.70
N ASN B 163 27.95 4.87 -47.24
CA ASN B 163 26.90 5.55 -46.50
C ASN B 163 25.54 4.93 -46.84
N LEU B 164 24.49 5.50 -46.22
CA LEU B 164 23.17 4.88 -46.30
C LEU B 164 22.62 4.84 -47.72
N GLU B 165 22.99 5.82 -48.55
CA GLU B 165 22.48 5.88 -49.92
C GLU B 165 23.23 4.91 -50.83
N ASN B 166 24.50 4.64 -50.53
CA ASN B 166 25.20 3.61 -51.25
C ASN B 166 24.61 2.24 -50.97
N TRP B 167 24.26 1.96 -49.71
CA TRP B 167 23.67 0.67 -49.37
C TRP B 167 22.29 0.53 -49.99
N ASN B 168 21.49 1.60 -49.92
CA ASN B 168 20.13 1.57 -50.45
C ASN B 168 20.14 1.25 -51.94
N SER B 169 20.93 1.98 -52.72
CA SER B 169 21.03 1.73 -54.15
C SER B 169 21.78 0.44 -54.48
N ALA B 170 22.49 -0.16 -53.52
CA ALA B 170 23.14 -1.44 -53.78
C ALA B 170 22.21 -2.61 -53.51
N LEU B 171 21.37 -2.51 -52.47
CA LEU B 171 20.43 -3.58 -52.17
C LEU B 171 19.29 -3.62 -53.18
N THR B 172 18.77 -2.44 -53.55
CA THR B 172 17.72 -2.38 -54.56
C THR B 172 18.22 -2.88 -55.91
N GLN B 173 19.41 -2.44 -56.32
CA GLN B 173 19.95 -2.88 -57.60
C GLN B 173 20.29 -4.36 -57.61
N ALA B 174 20.51 -4.96 -56.43
CA ALA B 174 20.79 -6.38 -56.32
C ALA B 174 19.53 -7.21 -56.11
N GLY B 175 18.36 -6.58 -56.05
CA GLY B 175 17.11 -7.30 -55.94
C GLY B 175 16.65 -7.56 -54.52
N PHE B 176 16.92 -6.61 -53.62
CA PHE B 176 16.53 -6.75 -52.23
C PHE B 176 15.50 -5.67 -51.89
N GLU B 177 14.42 -6.09 -51.23
CA GLU B 177 13.49 -5.15 -50.61
C GLU B 177 14.00 -4.77 -49.24
N ILE B 178 13.85 -3.50 -48.88
CA ILE B 178 14.41 -2.96 -47.65
C ILE B 178 13.27 -2.65 -46.67
N LEU B 179 13.35 -3.22 -45.48
CA LEU B 179 12.37 -2.98 -44.43
C LEU B 179 12.87 -2.02 -43.36
N HIS B 180 14.15 -2.08 -43.03
CA HIS B 180 14.75 -1.21 -42.03
C HIS B 180 16.13 -0.79 -42.49
N LEU B 181 16.42 0.51 -42.36
CA LEU B 181 17.71 1.06 -42.78
C LEU B 181 17.96 2.29 -41.91
N ALA B 182 18.86 2.15 -40.94
CA ALA B 182 19.13 3.20 -39.98
C ALA B 182 20.63 3.36 -39.79
N GLN B 183 21.02 4.50 -39.21
CA GLN B 183 22.41 4.80 -38.89
C GLN B 183 22.47 5.55 -37.57
N SER B 184 23.65 5.55 -36.98
CA SER B 184 23.85 6.25 -35.71
C SER B 184 25.28 6.75 -35.63
N GLU B 185 25.45 7.91 -35.00
CA GLU B 185 26.77 8.49 -34.73
C GLU B 185 26.89 8.68 -33.22
N THR B 186 27.85 7.98 -32.62
CA THR B 186 28.03 7.98 -31.18
C THR B 186 29.44 8.41 -30.84
N GLN B 187 29.57 9.55 -30.15
CA GLN B 187 30.87 10.10 -29.75
C GLN B 187 31.13 9.73 -28.29
N LEU B 188 32.18 8.94 -28.06
CA LEU B 188 32.67 8.71 -26.70
C LEU B 188 33.70 9.77 -26.36
N TYR B 189 33.71 10.20 -25.10
CA TYR B 189 34.58 11.28 -24.64
C TYR B 189 35.51 10.76 -23.54
N PHE B 190 36.75 10.47 -23.91
CA PHE B 190 37.75 9.97 -22.97
C PHE B 190 38.50 11.12 -22.31
N ASP B 191 39.03 10.84 -21.11
CA ASP B 191 39.64 11.89 -20.31
C ASP B 191 40.84 12.50 -21.00
N SER B 192 41.65 11.68 -21.66
CA SER B 192 42.85 12.17 -22.34
C SER B 192 43.08 11.29 -23.56
N PRO B 193 43.82 11.82 -24.57
CA PRO B 193 44.04 11.03 -25.80
C PRO B 193 44.66 9.66 -25.55
N LYS B 194 45.36 9.46 -24.43
CA LYS B 194 45.94 8.14 -24.18
C LYS B 194 44.86 7.11 -23.86
N ALA B 195 43.83 7.50 -23.11
CA ALA B 195 42.75 6.57 -22.82
C ALA B 195 42.01 6.15 -24.08
N VAL B 196 42.05 6.99 -25.12
CA VAL B 196 41.49 6.62 -26.42
C VAL B 196 42.25 5.43 -27.01
N LEU B 197 43.59 5.49 -26.95
CA LEU B 197 44.39 4.37 -27.43
C LEU B 197 44.19 3.14 -26.55
N GLN B 198 44.08 3.34 -25.23
CA GLN B 198 43.81 2.23 -24.33
C GLN B 198 42.51 1.53 -24.69
N HIS B 199 41.46 2.31 -25.00
CA HIS B 199 40.18 1.72 -25.37
C HIS B 199 40.30 0.90 -26.66
N LEU B 200 41.08 1.40 -27.63
CA LEU B 200 41.21 0.68 -28.89
C LEU B 200 41.95 -0.64 -28.71
N LYS B 201 42.99 -0.67 -27.88
CA LYS B 201 43.68 -1.93 -27.61
C LYS B 201 42.80 -2.88 -26.81
N ALA B 202 42.14 -2.37 -25.77
CA ALA B 202 41.34 -3.21 -24.90
C ALA B 202 40.14 -3.81 -25.64
N THR B 203 39.63 -3.13 -26.66
CA THR B 203 38.56 -3.68 -27.48
C THR B 203 39.07 -4.40 -28.72
N GLY B 204 40.37 -4.32 -29.00
CA GLY B 204 40.95 -5.11 -30.07
C GLY B 204 40.97 -4.47 -31.44
N VAL B 205 40.68 -3.18 -31.54
CA VAL B 205 40.69 -2.52 -32.85
C VAL B 205 42.12 -2.29 -33.33
N THR B 206 42.99 -1.82 -32.45
CA THR B 206 44.37 -1.55 -32.83
C THR B 206 45.21 -2.83 -32.79
N THR B 214 58.23 5.68 -33.69
CA THR B 214 58.87 6.69 -32.88
C THR B 214 58.08 6.98 -31.61
N LYS B 215 58.79 7.30 -30.53
CA LYS B 215 58.13 7.97 -29.41
C LYS B 215 57.71 9.38 -29.82
N GLN B 216 58.40 9.97 -30.79
CA GLN B 216 57.97 11.23 -31.39
C GLN B 216 56.50 11.15 -31.78
N SER B 217 56.14 10.12 -32.56
CA SER B 217 54.80 10.05 -33.13
C SER B 217 53.72 9.92 -32.06
N LEU B 218 54.03 9.33 -30.91
CA LEU B 218 53.00 9.10 -29.90
C LEU B 218 52.51 10.41 -29.30
N GLN B 219 53.43 11.23 -28.79
CA GLN B 219 53.00 12.49 -28.19
C GLN B 219 52.54 13.49 -29.25
N GLN B 220 53.14 13.46 -30.45
CA GLN B 220 52.63 14.27 -31.56
C GLN B 220 51.20 13.89 -31.90
N PHE B 221 50.86 12.60 -31.77
CA PHE B 221 49.47 12.18 -31.89
C PHE B 221 48.63 12.76 -30.76
N TYR B 222 49.20 12.88 -29.56
CA TYR B 222 48.45 13.47 -28.46
C TYR B 222 48.30 14.98 -28.63
N GLN B 223 49.24 15.63 -29.31
CA GLN B 223 49.14 17.07 -29.53
C GLN B 223 47.97 17.39 -30.47
N ASP B 224 47.89 16.68 -31.59
CA ASP B 224 46.88 16.97 -32.60
C ASP B 224 45.47 16.56 -32.18
N TYR B 225 45.33 15.72 -31.15
CA TYR B 225 44.01 15.34 -30.68
C TYR B 225 43.26 16.49 -30.02
N ASP B 226 43.94 17.60 -29.75
CA ASP B 226 43.26 18.78 -29.23
C ASP B 226 42.21 19.30 -30.20
N ARG B 227 42.34 18.99 -31.49
CA ARG B 227 41.30 19.35 -32.45
C ARG B 227 40.00 18.62 -32.18
N PHE B 228 40.04 17.53 -31.43
CA PHE B 228 38.85 16.74 -31.09
C PHE B 228 38.50 16.83 -29.61
N LYS B 229 39.00 17.84 -28.91
CA LYS B 229 38.74 18.00 -27.48
C LYS B 229 37.49 18.86 -27.31
N HIS B 230 36.43 18.24 -26.82
CA HIS B 230 35.20 18.93 -26.49
C HIS B 230 35.16 19.21 -24.99
N THR B 231 34.08 19.86 -24.54
CA THR B 231 33.95 20.21 -23.13
C THR B 231 33.88 18.96 -22.26
N GLU B 232 33.40 17.85 -22.80
CA GLU B 232 33.25 16.61 -22.05
C GLU B 232 34.49 15.73 -22.13
N GLY B 233 35.35 15.93 -23.11
CA GLY B 233 36.52 15.10 -23.29
C GLY B 233 36.92 15.03 -24.74
N TYR B 234 37.86 14.14 -25.04
CA TYR B 234 38.36 13.93 -26.39
C TYR B 234 37.50 12.89 -27.10
N SER B 235 37.02 13.24 -28.29
CA SER B 235 35.96 12.47 -28.92
C SER B 235 36.50 11.26 -29.68
N LEU B 236 35.72 10.18 -29.67
CA LEU B 236 35.93 9.02 -30.54
C LEU B 236 34.57 8.63 -31.11
N THR B 237 34.48 8.55 -32.43
CA THR B 237 33.21 8.40 -33.12
C THR B 237 33.04 6.99 -33.66
N TYR B 238 31.92 6.36 -33.32
CA TYR B 238 31.47 5.10 -33.91
C TYR B 238 30.23 5.37 -34.75
N HIS B 239 30.21 4.84 -35.98
CA HIS B 239 29.17 5.15 -36.96
C HIS B 239 28.52 3.88 -37.48
N PRO B 240 27.81 3.15 -36.61
CA PRO B 240 27.21 1.88 -37.06
C PRO B 240 26.02 2.11 -37.98
N ILE B 241 25.90 1.22 -38.96
CA ILE B 241 24.78 1.21 -39.90
C ILE B 241 24.01 -0.08 -39.68
N TYR B 242 22.68 0.01 -39.64
CA TYR B 242 21.81 -1.13 -39.43
C TYR B 242 20.85 -1.29 -40.62
N CYS B 243 20.59 -2.54 -40.99
CA CYS B 243 19.74 -2.80 -42.15
C CYS B 243 19.04 -4.14 -41.99
N ILE B 244 17.73 -4.15 -42.24
CA ILE B 244 16.94 -5.36 -42.37
C ILE B 244 16.34 -5.38 -43.76
N ALA B 245 16.54 -6.49 -44.48
CA ALA B 245 16.17 -6.58 -45.89
C ALA B 245 15.63 -7.96 -46.22
N ARG B 246 14.78 -8.00 -47.26
CA ARG B 246 14.18 -9.22 -47.78
C ARG B 246 14.48 -9.35 -49.27
N ARG B 247 14.52 -10.59 -49.75
CA ARG B 247 14.86 -10.84 -51.14
C ARG B 247 13.62 -10.78 -52.03
N MET B 248 13.79 -10.14 -53.20
CA MET B 248 12.82 -10.16 -54.30
C MET B 248 11.49 -9.57 -53.81
N LYS B 249 10.40 -10.32 -53.83
CA LYS B 249 9.07 -9.79 -53.50
C LYS B 249 8.99 -9.25 -52.07
N LEU C 3 7.60 -2.93 34.49
CA LEU C 3 8.47 -2.29 35.48
C LEU C 3 8.11 -0.82 35.70
N ASN C 4 6.97 -0.40 35.14
CA ASN C 4 6.46 0.94 35.40
C ASN C 4 5.96 1.05 36.84
N LYS C 5 6.18 2.22 37.43
CA LYS C 5 5.95 2.46 38.85
C LYS C 5 4.59 3.10 39.14
N ASN C 6 3.60 2.88 38.29
CA ASN C 6 2.27 3.42 38.51
C ASN C 6 1.21 2.52 37.92
N LEU C 7 1.55 1.76 36.88
CA LEU C 7 0.67 0.75 36.32
C LEU C 7 0.78 -0.52 37.16
N VAL C 8 -0.27 -1.35 37.10
CA VAL C 8 -0.39 -2.52 37.96
C VAL C 8 -1.12 -3.62 37.18
N ALA C 9 -0.62 -4.85 37.29
CA ALA C 9 -1.25 -5.97 36.62
C ALA C 9 -2.66 -6.21 37.17
N GLN C 10 -3.55 -6.63 36.29
CA GLN C 10 -4.97 -6.66 36.62
C GLN C 10 -5.66 -7.81 35.90
N ARG C 11 -6.59 -8.46 36.60
CA ARG C 11 -7.50 -9.44 36.03
C ARG C 11 -8.91 -9.08 36.44
N PHE C 12 -9.87 -9.21 35.52
CA PHE C 12 -11.24 -8.86 35.83
C PHE C 12 -12.21 -9.85 35.20
N ALA C 13 -13.41 -9.91 35.77
CA ALA C 13 -14.51 -10.71 35.23
C ALA C 13 -15.82 -10.06 35.62
N LYS C 14 -16.72 -9.92 34.65
CA LYS C 14 -18.00 -9.25 34.84
C LYS C 14 -19.12 -10.05 34.20
N ALA C 15 -20.32 -9.91 34.75
CA ALA C 15 -21.50 -10.57 34.22
C ALA C 15 -22.76 -9.88 34.74
N GLY C 16 -23.85 -10.00 33.99
CA GLY C 16 -25.09 -9.38 34.40
C GLY C 16 -26.18 -9.48 33.35
N GLN C 17 -27.35 -8.98 33.72
CA GLN C 17 -28.53 -8.94 32.85
C GLN C 17 -28.88 -7.50 32.52
N SER C 18 -29.31 -7.27 31.28
CA SER C 18 -29.54 -5.92 30.82
C SER C 18 -30.53 -5.94 29.65
N TYR C 19 -30.85 -4.74 29.15
CA TYR C 19 -31.63 -4.57 27.94
C TYR C 19 -30.78 -3.87 26.90
N SER C 20 -31.19 -3.99 25.64
CA SER C 20 -30.38 -3.45 24.55
C SER C 20 -31.26 -3.11 23.36
N LYS C 21 -31.00 -1.94 22.78
CA LYS C 21 -31.51 -1.64 21.44
C LYS C 21 -30.72 -2.50 20.45
N HIS C 22 -31.35 -3.56 19.95
CA HIS C 22 -30.61 -4.60 19.24
C HIS C 22 -29.90 -4.10 17.99
N ALA C 23 -30.20 -2.89 17.52
CA ALA C 23 -29.68 -2.42 16.24
C ALA C 23 -28.39 -1.62 16.34
N ILE C 24 -27.95 -1.28 17.56
CA ILE C 24 -26.78 -0.44 17.77
C ILE C 24 -25.61 -1.28 18.33
N VAL C 25 -25.60 -2.58 18.09
CA VAL C 25 -24.52 -3.44 18.62
C VAL C 25 -23.18 -3.03 18.04
N GLN C 26 -23.13 -2.80 16.73
CA GLN C 26 -21.86 -2.45 16.09
C GLN C 26 -21.32 -1.12 16.64
N LYS C 27 -22.22 -0.15 16.87
CA LYS C 27 -21.78 1.11 17.44
C LYS C 27 -21.36 0.94 18.89
N GLN C 28 -22.10 0.13 19.66
CA GLN C 28 -21.75 -0.09 21.06
C GLN C 28 -20.40 -0.78 21.19
N ILE C 29 -20.09 -1.68 20.26
CA ILE C 29 -18.76 -2.30 20.24
C ILE C 29 -17.68 -1.25 20.02
N CYS C 30 -17.97 -0.26 19.16
CA CYS C 30 -17.00 0.81 18.92
C CYS C 30 -16.85 1.71 20.13
N GLN C 31 -17.92 1.92 20.89
CA GLN C 31 -17.84 2.76 22.08
C GLN C 31 -16.97 2.12 23.16
N ASN C 32 -17.05 0.79 23.29
CA ASN C 32 -16.20 0.09 24.26
C ASN C 32 -14.73 0.18 23.86
N LEU C 33 -14.44 0.04 22.57
CA LEU C 33 -13.06 0.18 22.11
C LEU C 33 -12.57 1.61 22.27
N THR C 34 -13.46 2.59 22.03
CA THR C 34 -13.07 3.98 22.16
C THR C 34 -12.73 4.33 23.61
N ASN C 35 -13.42 3.70 24.57
CA ASN C 35 -13.10 3.96 25.97
C ASN C 35 -11.79 3.33 26.37
N LEU C 36 -11.48 2.14 25.82
CA LEU C 36 -10.16 1.56 26.05
C LEU C 36 -9.06 2.42 25.43
N LEU C 37 -9.35 3.09 24.32
CA LEU C 37 -8.37 4.02 23.74
C LEU C 37 -8.12 5.18 24.69
N LYS C 38 -9.17 5.70 25.33
CA LYS C 38 -9.00 6.83 26.23
C LYS C 38 -8.15 6.47 27.45
N GLN C 39 -8.24 5.22 27.92
CA GLN C 39 -7.49 4.81 29.10
C GLN C 39 -5.99 4.88 28.85
N PHE C 40 -5.52 4.20 27.80
CA PHE C 40 -4.10 3.98 27.62
C PHE C 40 -3.43 5.01 26.72
N CYS C 41 -4.18 5.69 25.90
CA CYS C 41 -3.47 6.33 24.83
C CYS C 41 -3.34 7.84 25.08
N PRO C 42 -2.29 8.47 24.55
CA PRO C 42 -2.19 9.93 24.66
C PRO C 42 -3.27 10.62 23.83
N SER C 43 -3.66 11.81 24.29
CA SER C 43 -4.71 12.55 23.60
C SER C 43 -4.29 13.07 22.23
N ALA C 44 -2.99 13.12 21.95
CA ALA C 44 -2.47 13.63 20.68
C ALA C 44 -1.65 12.56 19.98
N MET C 45 -1.97 12.31 18.71
CA MET C 45 -1.23 11.38 17.87
C MET C 45 -1.16 11.95 16.46
N SER C 46 0.05 12.13 15.95
CA SER C 46 0.23 12.77 14.65
C SER C 46 -0.37 11.93 13.52
N ARG C 47 -0.03 10.65 13.48
CA ARG C 47 -0.38 9.77 12.36
C ARG C 47 -1.13 8.56 12.89
N VAL C 48 -2.34 8.35 12.39
CA VAL C 48 -3.19 7.23 12.78
C VAL C 48 -3.72 6.57 11.52
N PHE C 49 -3.71 5.24 11.50
CA PHE C 49 -4.15 4.45 10.34
C PHE C 49 -5.29 3.53 10.78
N GLU C 50 -6.47 3.73 10.19
CA GLU C 50 -7.65 2.96 10.53
C GLU C 50 -7.97 1.96 9.42
N ILE C 51 -8.05 0.68 9.79
CA ILE C 51 -8.34 -0.39 8.85
C ILE C 51 -9.83 -0.72 8.89
N GLY C 52 -10.44 -0.82 7.71
CA GLY C 52 -11.85 -1.12 7.60
C GLY C 52 -12.74 -0.09 8.28
N CYS C 53 -12.67 1.17 7.82
CA CYS C 53 -13.44 2.23 8.46
C CYS C 53 -14.94 2.04 8.24
N GLY C 54 -15.33 1.58 7.06
CA GLY C 54 -16.75 1.38 6.79
C GLY C 54 -17.49 2.71 6.77
N SER C 55 -18.70 2.70 7.32
CA SER C 55 -19.51 3.92 7.37
C SER C 55 -18.90 4.96 8.31
N GLY C 56 -17.95 4.58 9.15
CA GLY C 56 -17.25 5.50 10.01
C GLY C 56 -17.75 5.58 11.43
N ASN C 57 -18.37 4.53 11.96
CA ASN C 57 -18.82 4.55 13.35
C ASN C 57 -17.65 4.82 14.30
N LEU C 58 -16.59 4.02 14.19
CA LEU C 58 -15.42 4.22 15.04
C LEU C 58 -14.60 5.42 14.60
N THR C 59 -14.67 5.80 13.32
CA THR C 59 -13.88 6.91 12.82
C THR C 59 -14.26 8.22 13.51
N ARG C 60 -15.56 8.52 13.57
CA ARG C 60 -15.99 9.76 14.21
C ARG C 60 -15.75 9.74 15.71
N LEU C 61 -15.77 8.56 16.34
CA LEU C 61 -15.42 8.49 17.76
C LEU C 61 -13.93 8.74 17.96
N LEU C 62 -13.10 8.46 16.95
CA LEU C 62 -11.67 8.72 17.06
C LEU C 62 -11.37 10.22 16.99
N VAL C 63 -11.98 10.91 16.02
CA VAL C 63 -11.69 12.32 15.81
C VAL C 63 -12.29 13.19 16.90
N GLU C 64 -13.35 12.71 17.58
CA GLU C 64 -13.98 13.53 18.59
C GLU C 64 -13.13 13.66 19.85
N SER C 65 -12.37 12.62 20.18
CA SER C 65 -11.66 12.57 21.46
C SER C 65 -10.14 12.66 21.33
N PHE C 66 -9.60 12.64 20.11
CA PHE C 66 -8.16 12.66 19.91
C PHE C 66 -7.80 13.75 18.90
N GLN C 67 -6.58 14.27 19.03
CA GLN C 67 -6.04 15.28 18.12
C GLN C 67 -5.11 14.59 17.13
N ILE C 68 -5.57 14.45 15.89
CA ILE C 68 -4.84 13.74 14.84
C ILE C 68 -4.50 14.72 13.74
N GLU C 69 -3.24 14.70 13.30
CA GLU C 69 -2.78 15.54 12.18
C GLU C 69 -2.92 14.81 10.85
N ASN C 70 -2.49 13.54 10.80
CA ASN C 70 -2.59 12.70 9.61
C ASN C 70 -3.48 11.52 9.94
N LEU C 71 -4.66 11.47 9.33
CA LEU C 71 -5.61 10.37 9.52
C LEU C 71 -5.78 9.66 8.19
N VAL C 72 -5.27 8.43 8.11
CA VAL C 72 -5.39 7.59 6.92
C VAL C 72 -6.50 6.57 7.17
N LEU C 73 -7.45 6.49 6.26
CA LEU C 73 -8.60 5.60 6.37
C LEU C 73 -8.59 4.60 5.23
N ASN C 74 -8.79 3.32 5.57
CA ASN C 74 -8.75 2.24 4.60
C ASN C 74 -10.06 1.47 4.64
N ASP C 75 -10.46 0.98 3.46
CA ASP C 75 -11.54 0.01 3.34
C ASP C 75 -11.42 -0.68 2.00
N LEU C 76 -12.15 -1.79 1.84
CA LEU C 76 -12.14 -2.52 0.59
C LEU C 76 -12.66 -1.67 -0.55
N TYR C 77 -13.84 -1.09 -0.36
CA TYR C 77 -14.58 -0.44 -1.43
C TYR C 77 -14.44 1.08 -1.31
N ALA C 78 -14.10 1.73 -2.43
CA ALA C 78 -14.10 3.18 -2.46
C ALA C 78 -15.48 3.79 -2.26
N GLU C 79 -16.53 2.97 -2.30
CA GLU C 79 -17.91 3.44 -2.15
C GLU C 79 -18.25 3.85 -0.72
N VAL C 80 -17.29 3.83 0.20
CA VAL C 80 -17.52 4.27 1.57
C VAL C 80 -17.03 5.69 1.82
N GLN C 81 -16.28 6.28 0.88
CA GLN C 81 -16.00 7.72 0.95
C GLN C 81 -17.27 8.55 0.87
N GLN C 82 -18.38 7.97 0.41
CA GLN C 82 -19.67 8.65 0.38
C GLN C 82 -20.29 8.78 1.76
N HIS C 83 -19.62 8.29 2.80
CA HIS C 83 -20.07 8.41 4.19
C HIS C 83 -19.27 9.45 4.96
N PHE C 84 -18.43 10.23 4.29
CA PHE C 84 -17.53 11.16 4.96
C PHE C 84 -17.51 12.48 4.20
N ASN C 85 -16.68 13.40 4.67
CA ASN C 85 -16.51 14.72 4.07
C ASN C 85 -17.84 15.46 3.94
N VAL C 90 -8.46 14.15 5.43
CA VAL C 90 -8.14 12.73 5.54
C VAL C 90 -7.42 12.26 4.28
N LYS C 91 -6.74 11.12 4.39
CA LYS C 91 -6.12 10.46 3.25
C LYS C 91 -6.75 9.09 3.09
N TRP C 92 -6.91 8.65 1.85
CA TRP C 92 -7.69 7.46 1.53
C TRP C 92 -6.79 6.38 0.95
N LEU C 93 -6.91 5.17 1.49
CA LEU C 93 -6.16 4.00 1.03
C LEU C 93 -7.18 2.89 0.79
N ILE C 94 -7.72 2.86 -0.43
CA ILE C 94 -8.80 1.94 -0.78
C ILE C 94 -8.21 0.62 -1.25
N GLY C 95 -8.79 -0.48 -0.77
CA GLY C 95 -8.35 -1.80 -1.20
C GLY C 95 -8.21 -2.80 -0.06
N ASP C 96 -7.87 -4.05 -0.42
CA ASP C 96 -7.64 -5.09 0.56
C ASP C 96 -6.38 -4.76 1.36
N VAL C 97 -6.54 -4.52 2.67
CA VAL C 97 -5.43 -4.08 3.50
C VAL C 97 -4.28 -5.07 3.47
N GLU C 98 -4.57 -6.36 3.26
CA GLU C 98 -3.51 -7.35 3.13
C GLU C 98 -2.70 -7.17 1.86
N THR C 99 -3.21 -6.41 0.88
CA THR C 99 -2.52 -6.17 -0.38
C THR C 99 -2.07 -4.72 -0.54
N LEU C 100 -2.11 -3.93 0.52
CA LEU C 100 -1.85 -2.50 0.44
C LEU C 100 -0.51 -2.14 1.09
N GLU C 101 0.13 -1.12 0.55
CA GLU C 101 1.35 -0.57 1.13
C GLU C 101 0.98 0.32 2.32
N PHE C 102 1.41 -0.08 3.51
CA PHE C 102 1.04 0.63 4.73
C PHE C 102 1.68 2.03 4.74
N PRO C 103 0.99 3.01 5.32
CA PRO C 103 1.68 4.27 5.66
C PRO C 103 2.66 4.04 6.80
N GLN C 104 3.78 4.74 6.74
CA GLN C 104 4.89 4.48 7.64
C GLN C 104 4.96 5.51 8.77
N GLN C 105 5.74 5.18 9.80
CA GLN C 105 5.95 6.00 10.99
C GLN C 105 4.61 6.44 11.61
N LEU C 106 3.89 5.44 12.11
CA LEU C 106 2.56 5.64 12.67
C LEU C 106 2.61 5.67 14.19
N ASP C 107 1.73 6.48 14.77
CA ASP C 107 1.54 6.51 16.22
C ASP C 107 0.54 5.47 16.69
N MET C 108 -0.38 5.04 15.84
CA MET C 108 -1.43 4.13 16.23
C MET C 108 -2.06 3.51 14.98
N ILE C 109 -2.39 2.23 15.06
CA ILE C 109 -3.18 1.54 14.05
C ILE C 109 -4.47 1.07 14.71
N VAL C 110 -5.61 1.52 14.19
CA VAL C 110 -6.92 1.22 14.76
C VAL C 110 -7.73 0.40 13.79
N SER C 111 -8.60 -0.47 14.34
CA SER C 111 -9.50 -1.28 13.54
C SER C 111 -10.67 -1.71 14.39
N GLY C 112 -11.87 -1.61 13.82
CA GLY C 112 -13.07 -2.00 14.53
C GLY C 112 -13.90 -3.03 13.78
N SER C 113 -13.94 -4.26 14.32
CA SER C 113 -14.78 -5.33 13.78
C SER C 113 -14.47 -5.63 12.31
N ALA C 114 -13.19 -5.62 11.97
CA ALA C 114 -12.78 -5.84 10.58
C ALA C 114 -11.69 -6.88 10.40
N LEU C 115 -10.91 -7.18 11.43
CA LEU C 115 -9.80 -8.12 11.30
C LEU C 115 -10.25 -9.57 11.20
N GLN C 116 -11.50 -9.88 11.57
CA GLN C 116 -12.00 -11.24 11.42
C GLN C 116 -12.11 -11.67 9.97
N TRP C 117 -12.05 -10.72 9.04
CA TRP C 117 -12.12 -11.00 7.61
C TRP C 117 -10.76 -11.30 6.99
N MET C 118 -9.66 -11.18 7.73
CA MET C 118 -8.34 -11.33 7.16
C MET C 118 -7.98 -12.81 6.99
N GLN C 119 -7.28 -13.11 5.90
CA GLN C 119 -6.89 -14.49 5.62
C GLN C 119 -5.55 -14.87 6.26
N ASP C 120 -4.60 -13.95 6.37
CA ASP C 120 -3.29 -14.22 6.95
C ASP C 120 -2.96 -13.15 7.99
N LEU C 121 -3.48 -13.33 9.20
CA LEU C 121 -3.28 -12.37 10.28
C LEU C 121 -1.84 -12.31 10.79
N PRO C 122 -1.13 -13.44 10.95
CA PRO C 122 0.25 -13.35 11.47
C PRO C 122 1.15 -12.41 10.67
N ARG C 123 1.10 -12.47 9.34
CA ARG C 123 1.98 -11.64 8.53
C ARG C 123 1.44 -10.23 8.29
N LEU C 124 0.14 -10.01 8.51
CA LEU C 124 -0.36 -8.64 8.55
C LEU C 124 0.13 -7.92 9.80
N LEU C 125 0.32 -8.66 10.89
CA LEU C 125 0.94 -8.09 12.08
C LEU C 125 2.39 -7.69 11.84
N GLN C 126 3.08 -8.41 10.95
CA GLN C 126 4.44 -8.03 10.59
C GLN C 126 4.47 -6.64 9.96
N HIS C 127 3.46 -6.33 9.14
CA HIS C 127 3.36 -4.99 8.59
C HIS C 127 2.88 -4.00 9.64
N CYS C 128 2.08 -4.45 10.60
CA CYS C 128 1.72 -3.56 11.72
C CYS C 128 2.96 -3.22 12.54
N TYR C 129 3.90 -4.15 12.65
CA TYR C 129 5.13 -3.90 13.39
C TYR C 129 6.03 -2.91 12.66
N ALA C 130 6.24 -3.11 11.36
CA ALA C 130 7.19 -2.28 10.61
C ALA C 130 6.67 -0.86 10.43
N ALA C 131 5.37 -0.69 10.21
CA ALA C 131 4.79 0.62 9.94
C ALA C 131 4.72 1.49 11.19
N LEU C 132 4.76 0.89 12.38
CA LEU C 132 4.57 1.63 13.62
C LEU C 132 5.89 2.15 14.15
N ASN C 133 5.81 3.27 14.86
CA ASN C 133 6.96 3.78 15.60
C ASN C 133 7.32 2.83 16.73
N GLU C 134 8.48 3.10 17.34
CA GLU C 134 8.78 2.53 18.64
C GLU C 134 7.75 3.01 19.65
N GLN C 135 7.24 2.08 20.46
CA GLN C 135 6.14 2.30 21.39
C GLN C 135 4.83 2.61 20.67
N GLY C 136 4.74 2.27 19.38
CA GLY C 136 3.52 2.52 18.64
C GLY C 136 2.39 1.64 19.11
N TRP C 137 1.18 2.17 18.99
CA TRP C 137 -0.02 1.50 19.50
C TRP C 137 -0.70 0.67 18.43
N LEU C 138 -1.17 -0.52 18.83
CA LEU C 138 -2.01 -1.37 17.98
C LEU C 138 -3.23 -1.76 18.79
N CYS C 139 -4.39 -1.21 18.43
CA CYS C 139 -5.60 -1.42 19.21
C CYS C 139 -6.76 -1.74 18.28
N PHE C 140 -7.44 -2.85 18.55
CA PHE C 140 -8.47 -3.34 17.65
C PHE C 140 -9.53 -4.11 18.44
N SER C 141 -10.68 -4.27 17.80
CA SER C 141 -11.73 -5.15 18.30
C SER C 141 -12.07 -6.12 17.17
N THR C 142 -12.18 -7.40 17.50
CA THR C 142 -12.60 -8.40 16.54
C THR C 142 -13.67 -9.29 17.17
N PHE C 143 -13.70 -10.58 16.83
CA PHE C 143 -14.75 -11.45 17.33
C PHE C 143 -14.18 -12.84 17.64
N GLY C 144 -14.76 -13.48 18.64
CA GLY C 144 -14.32 -14.78 19.10
C GLY C 144 -15.08 -15.95 18.53
N PRO C 145 -14.68 -17.17 18.90
CA PRO C 145 -15.22 -18.38 18.25
C PRO C 145 -16.72 -18.58 18.40
N LYS C 146 -17.33 -18.04 19.46
CA LYS C 146 -18.76 -18.22 19.70
C LYS C 146 -19.60 -17.09 19.13
N ASN C 147 -19.07 -16.34 18.15
CA ASN C 147 -19.78 -15.21 17.58
C ASN C 147 -20.77 -15.70 16.54
N LEU C 148 -22.06 -15.43 16.77
CA LEU C 148 -23.15 -15.84 15.88
C LEU C 148 -23.16 -17.36 15.70
N ILE C 149 -22.84 -18.09 16.77
CA ILE C 149 -22.76 -19.54 16.69
C ILE C 149 -24.14 -20.15 16.45
N GLU C 150 -25.22 -19.45 16.78
CA GLU C 150 -26.55 -19.96 16.46
C GLU C 150 -26.76 -20.00 14.95
N ILE C 151 -26.14 -19.09 14.21
CA ILE C 151 -26.28 -19.10 12.76
C ILE C 151 -25.37 -20.12 12.11
N LYS C 152 -24.16 -20.31 12.65
CA LYS C 152 -23.25 -21.31 12.11
C LYS C 152 -23.73 -22.72 12.41
N GLU C 153 -24.35 -22.94 13.57
CA GLU C 153 -24.83 -24.27 13.90
C GLU C 153 -26.01 -24.68 13.03
N LEU C 154 -26.81 -23.71 12.56
CA LEU C 154 -28.03 -23.98 11.80
C LEU C 154 -27.83 -23.97 10.29
N THR C 155 -26.96 -23.09 9.79
CA THR C 155 -26.73 -22.98 8.35
C THR C 155 -25.36 -23.50 7.92
N GLY C 156 -24.48 -23.84 8.86
CA GLY C 156 -23.14 -24.23 8.52
C GLY C 156 -22.28 -23.11 7.97
N GLN C 157 -22.78 -21.89 7.92
CA GLN C 157 -22.05 -20.75 7.39
C GLN C 157 -21.61 -19.84 8.53
N GLY C 158 -20.45 -19.22 8.33
CA GLY C 158 -19.84 -18.38 9.34
C GLY C 158 -18.36 -18.26 9.06
N LEU C 159 -17.64 -17.79 10.06
CA LEU C 159 -16.20 -17.59 9.94
C LEU C 159 -15.47 -18.36 11.03
N ASN C 160 -14.24 -18.76 10.71
CA ASN C 160 -13.33 -19.33 11.70
C ASN C 160 -12.69 -18.21 12.49
N TYR C 161 -13.05 -18.08 13.76
CA TYR C 161 -12.55 -17.02 14.61
C TYR C 161 -11.43 -17.52 15.50
N TRP C 162 -10.38 -16.71 15.63
CA TRP C 162 -9.36 -16.94 16.65
C TRP C 162 -9.95 -16.72 18.03
N ASN C 163 -9.32 -17.31 19.04
CA ASN C 163 -9.66 -17.04 20.42
C ASN C 163 -8.58 -16.16 21.04
N LEU C 164 -8.71 -15.90 22.35
CA LEU C 164 -7.75 -15.06 23.05
C LEU C 164 -6.36 -15.66 23.02
N GLU C 165 -6.24 -16.96 23.30
CA GLU C 165 -4.91 -17.57 23.35
C GLU C 165 -4.24 -17.59 21.98
N ASN C 166 -5.03 -17.62 20.91
CA ASN C 166 -4.44 -17.45 19.58
C ASN C 166 -3.92 -16.03 19.39
N TRP C 167 -4.65 -15.04 19.92
CA TRP C 167 -4.20 -13.66 19.80
C TRP C 167 -3.00 -13.39 20.69
N ASN C 168 -3.03 -13.89 21.93
CA ASN C 168 -1.88 -13.73 22.82
C ASN C 168 -0.63 -14.38 22.24
N SER C 169 -0.80 -15.43 21.44
CA SER C 169 0.36 -16.09 20.86
C SER C 169 0.89 -15.33 19.65
N ALA C 170 -0.01 -14.90 18.75
CA ALA C 170 0.43 -14.27 17.51
C ALA C 170 0.94 -12.85 17.73
N LEU C 171 0.43 -12.16 18.75
CA LEU C 171 0.88 -10.79 19.01
C LEU C 171 2.31 -10.76 19.55
N THR C 172 2.63 -11.66 20.50
CA THR C 172 3.98 -11.69 21.03
C THR C 172 4.97 -12.31 20.05
N GLN C 173 4.52 -13.25 19.23
CA GLN C 173 5.40 -13.80 18.19
C GLN C 173 5.80 -12.74 17.18
N ALA C 174 4.92 -11.75 16.94
CA ALA C 174 5.18 -10.66 16.02
C ALA C 174 5.95 -9.50 16.65
N GLY C 175 6.06 -9.47 17.98
CA GLY C 175 6.87 -8.46 18.65
C GLY C 175 6.07 -7.36 19.30
N PHE C 176 4.88 -7.68 19.80
CA PHE C 176 3.99 -6.69 20.40
C PHE C 176 3.85 -6.97 21.88
N GLU C 177 3.91 -5.92 22.69
CA GLU C 177 3.45 -6.04 24.07
C GLU C 177 1.92 -6.04 24.09
N ILE C 178 1.34 -6.46 25.21
CA ILE C 178 -0.10 -6.48 25.37
C ILE C 178 -0.44 -5.78 26.68
N LEU C 179 -1.16 -4.67 26.59
CA LEU C 179 -1.58 -3.93 27.78
C LEU C 179 -3.02 -4.21 28.17
N HIS C 180 -3.81 -4.78 27.27
CA HIS C 180 -5.21 -5.09 27.56
C HIS C 180 -5.66 -6.14 26.56
N LEU C 181 -6.23 -7.24 27.08
CA LEU C 181 -6.68 -8.34 26.24
C LEU C 181 -7.89 -8.96 26.93
N ALA C 182 -9.07 -8.73 26.35
CA ALA C 182 -10.32 -9.15 26.99
C ALA C 182 -11.29 -9.66 25.92
N GLN C 183 -12.35 -10.30 26.40
CA GLN C 183 -13.40 -10.84 25.55
C GLN C 183 -14.72 -10.77 26.31
N SER C 184 -15.81 -10.61 25.56
CA SER C 184 -17.13 -10.59 26.16
C SER C 184 -18.07 -11.46 25.33
N GLU C 185 -18.97 -12.16 26.02
CA GLU C 185 -20.03 -12.92 25.38
C GLU C 185 -21.36 -12.24 25.72
N THR C 186 -22.19 -12.01 24.70
CA THR C 186 -23.48 -11.38 24.90
C THR C 186 -24.56 -12.17 24.15
N GLN C 187 -25.61 -12.54 24.86
CA GLN C 187 -26.74 -13.24 24.27
C GLN C 187 -27.96 -12.34 24.29
N LEU C 188 -28.47 -12.00 23.11
CA LEU C 188 -29.69 -11.22 22.99
C LEU C 188 -30.86 -12.17 22.81
N TYR C 189 -31.94 -11.96 23.56
CA TYR C 189 -33.10 -12.84 23.57
C TYR C 189 -34.23 -12.20 22.79
N PHE C 190 -34.35 -12.57 21.51
CA PHE C 190 -35.38 -12.02 20.66
C PHE C 190 -36.73 -12.70 20.90
N ASP C 191 -37.80 -12.03 20.45
CA ASP C 191 -39.15 -12.54 20.69
C ASP C 191 -39.43 -13.81 19.91
N SER C 192 -38.82 -13.97 18.73
CA SER C 192 -39.07 -15.12 17.88
C SER C 192 -37.93 -15.25 16.89
N PRO C 193 -37.72 -16.44 16.33
CA PRO C 193 -36.65 -16.60 15.33
C PRO C 193 -36.79 -15.67 14.13
N LYS C 194 -38.02 -15.29 13.78
CA LYS C 194 -38.21 -14.32 12.72
C LYS C 194 -37.54 -12.99 13.07
N ALA C 195 -37.63 -12.59 14.34
CA ALA C 195 -36.99 -11.35 14.76
C ALA C 195 -35.48 -11.43 14.66
N VAL C 196 -34.91 -12.65 14.75
CA VAL C 196 -33.48 -12.82 14.61
C VAL C 196 -33.04 -12.49 13.18
N LEU C 197 -33.78 -13.00 12.19
CA LEU C 197 -33.46 -12.71 10.80
C LEU C 197 -33.66 -11.23 10.48
N GLN C 198 -34.74 -10.63 11.00
CA GLN C 198 -34.98 -9.22 10.76
C GLN C 198 -33.82 -8.37 11.28
N HIS C 199 -33.28 -8.73 12.45
CA HIS C 199 -32.17 -7.97 13.01
C HIS C 199 -30.88 -8.21 12.22
N LEU C 200 -30.68 -9.43 11.72
CA LEU C 200 -29.45 -9.73 11.00
C LEU C 200 -29.36 -8.97 9.67
N LYS C 201 -30.50 -8.76 9.00
CA LYS C 201 -30.52 -8.00 7.76
C LYS C 201 -30.63 -6.50 8.00
N ALA C 202 -31.19 -6.08 9.13
CA ALA C 202 -31.23 -4.66 9.44
C ALA C 202 -29.85 -4.12 9.81
N THR C 203 -28.99 -4.96 10.38
CA THR C 203 -27.63 -4.56 10.71
C THR C 203 -26.64 -4.85 9.60
N GLY C 204 -27.09 -5.46 8.50
CA GLY C 204 -26.22 -5.74 7.38
C GLY C 204 -25.23 -6.85 7.62
N VAL C 205 -25.73 -8.09 7.68
CA VAL C 205 -24.88 -9.25 7.87
C VAL C 205 -25.09 -10.25 6.74
N LYS C 215 -38.62 -21.19 1.35
CA LYS C 215 -40.01 -21.27 1.82
C LYS C 215 -40.13 -22.35 2.90
N GLN C 216 -39.61 -23.54 2.59
CA GLN C 216 -39.45 -24.58 3.60
C GLN C 216 -38.09 -24.50 4.29
N SER C 217 -37.06 -24.03 3.57
CA SER C 217 -35.83 -23.69 4.27
C SER C 217 -36.06 -22.63 5.33
N LEU C 218 -37.06 -21.74 5.14
CA LEU C 218 -37.38 -20.70 6.12
C LEU C 218 -38.14 -21.27 7.30
N GLN C 219 -39.18 -22.06 7.04
CA GLN C 219 -39.97 -22.66 8.11
C GLN C 219 -39.13 -23.64 8.93
N GLN C 220 -38.24 -24.38 8.26
CA GLN C 220 -37.33 -25.25 9.00
C GLN C 220 -36.39 -24.45 9.88
N PHE C 221 -35.94 -23.29 9.40
CA PHE C 221 -35.07 -22.44 10.22
C PHE C 221 -35.79 -21.98 11.48
N TYR C 222 -37.08 -21.66 11.36
CA TYR C 222 -37.85 -21.29 12.55
C TYR C 222 -38.05 -22.47 13.49
N GLN C 223 -38.10 -23.70 12.95
CA GLN C 223 -38.23 -24.87 13.79
C GLN C 223 -36.92 -25.19 14.50
N ASP C 224 -35.80 -25.20 13.77
CA ASP C 224 -34.50 -25.52 14.35
C ASP C 224 -34.06 -24.52 15.40
N TYR C 225 -34.55 -23.28 15.34
CA TYR C 225 -34.12 -22.28 16.32
C TYR C 225 -34.73 -22.51 17.70
N ASP C 226 -35.75 -23.37 17.81
CA ASP C 226 -36.34 -23.63 19.12
C ASP C 226 -35.36 -24.30 20.07
N ARG C 227 -34.31 -24.94 19.54
CA ARG C 227 -33.24 -25.44 20.40
C ARG C 227 -32.42 -24.33 21.04
N PHE C 228 -32.60 -23.08 20.61
CA PHE C 228 -31.97 -21.94 21.24
C PHE C 228 -32.95 -21.10 22.03
N LYS C 229 -34.10 -21.68 22.41
CA LYS C 229 -35.10 -20.96 23.19
C LYS C 229 -34.72 -20.94 24.65
N HIS C 230 -34.79 -19.76 25.27
CA HIS C 230 -34.52 -19.60 26.69
C HIS C 230 -35.74 -18.99 27.37
N THR C 231 -35.57 -18.61 28.64
CA THR C 231 -36.68 -18.06 29.40
C THR C 231 -37.08 -16.68 28.88
N GLU C 232 -36.12 -15.87 28.44
CA GLU C 232 -36.41 -14.52 27.99
C GLU C 232 -36.66 -14.42 26.49
N GLY C 233 -36.31 -15.43 25.72
CA GLY C 233 -36.50 -15.37 24.27
C GLY C 233 -35.52 -16.30 23.56
N TYR C 234 -35.29 -15.99 22.29
CA TYR C 234 -34.46 -16.79 21.40
C TYR C 234 -33.06 -16.19 21.27
N SER C 235 -32.04 -17.04 21.27
CA SER C 235 -30.67 -16.60 21.48
C SER C 235 -30.02 -16.08 20.20
N LEU C 236 -29.12 -15.12 20.39
CA LEU C 236 -28.22 -14.67 19.33
C LEU C 236 -26.96 -14.15 20.01
N THR C 237 -25.84 -14.84 19.81
CA THR C 237 -24.62 -14.58 20.56
C THR C 237 -23.68 -13.66 19.78
N TYR C 238 -23.12 -12.68 20.47
CA TYR C 238 -22.02 -11.86 19.98
C TYR C 238 -20.82 -12.04 20.90
N HIS C 239 -19.64 -12.21 20.30
CA HIS C 239 -18.43 -12.54 21.04
C HIS C 239 -17.27 -11.63 20.64
N PRO C 240 -17.31 -10.36 21.03
CA PRO C 240 -16.24 -9.44 20.64
C PRO C 240 -14.99 -9.59 21.50
N ILE C 241 -13.84 -9.40 20.86
CA ILE C 241 -12.54 -9.45 21.51
C ILE C 241 -11.95 -8.06 21.45
N TYR C 242 -11.37 -7.60 22.57
CA TYR C 242 -10.77 -6.29 22.67
C TYR C 242 -9.30 -6.40 23.00
N CYS C 243 -8.46 -5.67 22.27
CA CYS C 243 -7.03 -5.74 22.52
C CYS C 243 -6.40 -4.36 22.42
N ILE C 244 -5.42 -4.13 23.29
CA ILE C 244 -4.61 -2.90 23.30
C ILE C 244 -3.16 -3.36 23.38
N ALA C 245 -2.46 -3.32 22.25
CA ALA C 245 -1.08 -3.76 22.16
C ALA C 245 -0.16 -2.58 21.87
N ARG C 246 1.15 -2.83 22.00
CA ARG C 246 2.17 -1.81 21.77
C ARG C 246 3.44 -2.46 21.26
N ARG C 247 4.11 -1.79 20.32
CA ARG C 247 5.33 -2.34 19.72
C ARG C 247 6.51 -2.19 20.68
N MET C 248 7.21 -3.29 20.92
CA MET C 248 8.36 -3.29 21.82
C MET C 248 9.65 -3.62 21.08
N MET D 1 -39.39 3.01 5.78
CA MET D 1 -40.76 2.62 6.09
C MET D 1 -41.09 2.88 7.56
N SER D 2 -40.15 2.53 8.44
CA SER D 2 -40.34 2.69 9.88
C SER D 2 -38.98 2.53 10.56
N LEU D 3 -38.79 3.28 11.63
CA LEU D 3 -37.53 3.24 12.38
C LEU D 3 -37.43 1.91 13.15
N ASN D 4 -36.28 1.73 13.80
CA ASN D 4 -35.99 0.52 14.57
C ASN D 4 -35.48 0.93 15.94
N LYS D 5 -36.32 0.77 16.97
CA LYS D 5 -35.98 1.11 18.34
C LYS D 5 -36.64 0.08 19.26
N ASN D 6 -36.16 -1.15 19.20
CA ASN D 6 -36.72 -2.27 19.94
C ASN D 6 -35.74 -2.70 21.02
N LEU D 7 -36.15 -2.56 22.28
CA LEU D 7 -35.36 -3.08 23.38
C LEU D 7 -35.42 -4.60 23.39
N VAL D 8 -34.32 -5.23 23.78
CA VAL D 8 -34.21 -6.68 23.78
C VAL D 8 -33.48 -7.11 25.05
N ALA D 9 -33.89 -8.23 25.62
CA ALA D 9 -33.24 -8.73 26.83
C ALA D 9 -31.87 -9.28 26.48
N GLN D 10 -30.95 -9.22 27.45
CA GLN D 10 -29.57 -9.53 27.17
C GLN D 10 -28.88 -9.99 28.45
N ARG D 11 -28.09 -11.06 28.35
CA ARG D 11 -27.20 -11.51 29.41
C ARG D 11 -25.79 -11.56 28.85
N PHE D 12 -24.82 -11.09 29.64
CA PHE D 12 -23.46 -10.94 29.13
C PHE D 12 -22.45 -11.42 30.17
N ALA D 13 -21.24 -11.67 29.69
CA ALA D 13 -20.11 -12.03 30.55
C ALA D 13 -18.83 -11.52 29.91
N LYS D 14 -17.98 -10.86 30.71
CA LYS D 14 -16.72 -10.31 30.23
C LYS D 14 -15.58 -10.79 31.10
N ALA D 15 -14.39 -10.86 30.52
CA ALA D 15 -13.19 -11.31 31.23
C ALA D 15 -11.96 -10.93 30.42
N GLY D 16 -10.89 -10.58 31.13
CA GLY D 16 -9.63 -10.30 30.47
C GLY D 16 -8.56 -9.85 31.46
N GLN D 17 -7.40 -9.57 30.90
CA GLN D 17 -6.26 -9.04 31.66
C GLN D 17 -5.92 -7.64 31.17
N SER D 18 -5.33 -6.84 32.06
CA SER D 18 -5.18 -5.43 31.75
C SER D 18 -4.09 -4.81 32.62
N TYR D 19 -3.72 -3.58 32.26
CA TYR D 19 -2.89 -2.71 33.06
C TYR D 19 -3.67 -1.44 33.37
N SER D 20 -3.38 -0.82 34.52
CA SER D 20 -4.14 0.35 34.92
C SER D 20 -3.40 1.09 36.02
N LYS D 21 -3.65 2.40 36.09
CA LYS D 21 -3.15 3.23 37.17
C LYS D 21 -3.94 2.93 38.44
N HIS D 22 -3.22 2.54 39.51
CA HIS D 22 -3.90 2.10 40.72
C HIS D 22 -4.62 3.24 41.43
N ALA D 23 -4.08 4.47 41.35
CA ALA D 23 -4.77 5.61 41.96
C ALA D 23 -6.10 5.90 41.29
N ILE D 24 -6.33 5.39 40.08
CA ILE D 24 -7.56 5.59 39.34
C ILE D 24 -8.36 4.29 39.43
N VAL D 25 -9.34 4.26 40.32
CA VAL D 25 -10.22 3.10 40.47
C VAL D 25 -11.65 3.58 40.68
N GLN D 26 -11.82 4.56 41.56
CA GLN D 26 -13.15 5.14 41.76
C GLN D 26 -13.56 5.97 40.55
N LYS D 27 -12.63 6.73 39.97
CA LYS D 27 -12.94 7.48 38.76
C LYS D 27 -13.39 6.56 37.64
N GLN D 28 -12.83 5.35 37.57
CA GLN D 28 -13.24 4.41 36.54
C GLN D 28 -14.60 3.78 36.84
N ILE D 29 -14.90 3.54 38.11
CA ILE D 29 -16.25 3.09 38.47
C ILE D 29 -17.27 4.18 38.17
N CYS D 30 -16.90 5.44 38.43
CA CYS D 30 -17.74 6.56 38.02
C CYS D 30 -17.89 6.62 36.51
N GLN D 31 -16.80 6.37 35.78
CA GLN D 31 -16.86 6.39 34.32
C GLN D 31 -17.74 5.26 33.80
N ASN D 32 -17.72 4.11 34.46
CA ASN D 32 -18.54 2.98 34.01
C ASN D 32 -20.02 3.22 34.29
N LEU D 33 -20.33 3.72 35.50
CA LEU D 33 -21.72 4.04 35.83
C LEU D 33 -22.26 5.14 34.91
N THR D 34 -21.41 6.07 34.49
CA THR D 34 -21.85 7.09 33.56
C THR D 34 -22.10 6.50 32.18
N ASN D 35 -21.35 5.47 31.78
CA ASN D 35 -21.61 4.81 30.51
C ASN D 35 -23.00 4.17 30.49
N LEU D 36 -23.40 3.56 31.61
CA LEU D 36 -24.73 2.96 31.68
C LEU D 36 -25.83 4.03 31.64
N LEU D 37 -25.59 5.17 32.30
CA LEU D 37 -26.58 6.24 32.28
C LEU D 37 -26.80 6.76 30.87
N LYS D 38 -25.73 6.88 30.09
CA LYS D 38 -25.86 7.34 28.71
C LYS D 38 -26.62 6.33 27.85
N GLN D 39 -26.60 5.05 28.22
CA GLN D 39 -27.24 4.02 27.41
C GLN D 39 -28.72 3.85 27.72
N PHE D 40 -29.19 4.36 28.86
CA PHE D 40 -30.58 4.16 29.28
C PHE D 40 -31.38 5.42 29.50
N CYS D 41 -30.74 6.57 29.75
CA CYS D 41 -31.48 7.73 30.19
C CYS D 41 -31.50 8.83 29.12
N PRO D 42 -32.60 9.57 29.02
CA PRO D 42 -32.65 10.68 28.06
C PRO D 42 -31.67 11.78 28.44
N SER D 43 -31.26 12.54 27.43
CA SER D 43 -30.30 13.61 27.63
C SER D 43 -30.86 14.73 28.49
N ALA D 44 -32.18 14.93 28.51
CA ALA D 44 -32.80 16.00 29.27
C ALA D 44 -33.41 15.43 30.55
N MET D 45 -33.07 16.04 31.69
CA MET D 45 -33.62 15.65 32.98
C MET D 45 -33.77 16.89 33.84
N SER D 46 -34.97 17.12 34.37
CA SER D 46 -35.23 18.37 35.06
C SER D 46 -34.67 18.37 36.48
N ARG D 47 -35.03 17.35 37.27
CA ARG D 47 -34.68 17.30 38.69
C ARG D 47 -33.90 16.02 38.95
N VAL D 48 -32.66 16.17 39.42
CA VAL D 48 -31.76 15.07 39.68
C VAL D 48 -31.29 15.15 41.12
N PHE D 49 -31.13 14.00 41.77
CA PHE D 49 -30.69 13.95 43.17
C PHE D 49 -29.56 12.93 43.31
N GLU D 50 -28.44 13.37 43.86
CA GLU D 50 -27.25 12.53 44.02
C GLU D 50 -26.95 12.31 45.51
N ILE D 51 -26.67 11.06 45.85
CA ILE D 51 -26.43 10.64 47.22
C ILE D 51 -24.95 10.29 47.37
N GLY D 52 -24.27 10.95 48.30
CA GLY D 52 -22.85 10.73 48.51
C GLY D 52 -22.02 11.22 47.35
N CYS D 53 -22.12 12.51 47.02
CA CYS D 53 -21.36 13.04 45.90
C CYS D 53 -19.87 13.10 46.22
N GLY D 54 -19.52 13.49 47.44
CA GLY D 54 -18.13 13.41 47.85
C GLY D 54 -17.27 14.39 47.07
N SER D 55 -16.19 13.86 46.46
CA SER D 55 -15.25 14.69 45.73
C SER D 55 -15.90 15.36 44.52
N GLY D 56 -16.93 14.75 43.97
CA GLY D 56 -17.60 15.27 42.80
C GLY D 56 -17.19 14.68 41.47
N ASN D 57 -16.45 13.56 41.47
CA ASN D 57 -16.01 12.97 40.22
C ASN D 57 -17.19 12.54 39.36
N LEU D 58 -18.23 11.97 39.99
CA LEU D 58 -19.43 11.59 39.24
C LEU D 58 -20.27 12.80 38.87
N THR D 59 -20.30 13.83 39.74
CA THR D 59 -21.10 15.02 39.45
C THR D 59 -20.60 15.74 38.21
N ARG D 60 -19.24 15.78 37.98
CA ARG D 60 -18.69 16.42 36.79
C ARG D 60 -19.03 15.62 35.53
N LEU D 61 -19.13 14.29 35.68
CA LEU D 61 -19.53 13.47 34.55
C LEU D 61 -21.02 13.61 34.26
N LEU D 62 -21.84 13.81 35.31
CA LEU D 62 -23.28 13.97 35.13
C LEU D 62 -23.60 15.23 34.35
N VAL D 63 -23.10 16.38 34.80
CA VAL D 63 -23.40 17.64 34.15
C VAL D 63 -22.71 17.75 32.78
N GLU D 64 -21.66 16.97 32.55
CA GLU D 64 -20.98 16.98 31.26
C GLU D 64 -21.89 16.47 30.15
N SER D 65 -22.70 15.45 30.45
CA SER D 65 -23.43 14.72 29.42
C SER D 65 -24.93 14.92 29.44
N PHE D 66 -25.50 15.29 30.58
CA PHE D 66 -26.95 15.43 30.72
C PHE D 66 -27.32 16.89 30.98
N GLN D 67 -28.51 17.26 30.52
CA GLN D 67 -29.03 18.62 30.69
C GLN D 67 -29.94 18.63 31.91
N ILE D 68 -29.41 19.07 33.04
CA ILE D 68 -30.14 19.11 34.30
C ILE D 68 -30.62 20.52 34.56
N GLU D 69 -31.86 20.65 35.03
CA GLU D 69 -32.43 21.94 35.38
C GLU D 69 -32.35 22.26 36.87
N ASN D 70 -32.40 21.23 37.72
CA ASN D 70 -32.23 21.40 39.16
C ASN D 70 -31.46 20.20 39.69
N LEU D 71 -30.36 20.48 40.40
CA LEU D 71 -29.45 19.46 40.88
C LEU D 71 -29.25 19.64 42.38
N VAL D 72 -29.56 18.60 43.15
CA VAL D 72 -29.40 18.61 44.60
C VAL D 72 -28.33 17.58 44.97
N LEU D 73 -27.28 18.04 45.64
CA LEU D 73 -26.16 17.20 46.05
C LEU D 73 -26.27 16.87 47.53
N ASN D 74 -25.94 15.63 47.87
CA ASN D 74 -25.97 15.16 49.25
C ASN D 74 -24.67 14.48 49.62
N ASP D 75 -24.19 14.78 50.83
CA ASP D 75 -23.06 14.09 51.43
C ASP D 75 -22.95 14.57 52.87
N LEU D 76 -22.09 13.89 53.64
CA LEU D 76 -21.84 14.31 55.02
C LEU D 76 -21.08 15.63 55.06
N TYR D 77 -20.31 15.94 54.02
CA TYR D 77 -19.57 17.18 53.92
C TYR D 77 -19.87 17.86 52.59
N ALA D 78 -19.16 18.95 52.29
CA ALA D 78 -19.34 19.66 51.02
C ALA D 78 -17.96 20.07 50.50
N GLU D 79 -17.52 19.43 49.42
CA GLU D 79 -16.24 19.74 48.80
C GLU D 79 -16.39 20.79 47.72
N ASN D 85 -18.76 26.08 39.98
CA ASN D 85 -19.79 26.81 39.24
C ASN D 85 -20.68 27.63 40.18
N HIS D 86 -21.23 26.97 41.20
CA HIS D 86 -22.06 27.61 42.23
C HIS D 86 -23.27 28.31 41.61
N GLU D 87 -23.96 27.61 40.72
CA GLU D 87 -25.13 28.20 40.08
C GLU D 87 -26.32 28.18 41.04
N GLU D 88 -27.34 28.97 40.69
CA GLU D 88 -28.50 29.10 41.56
C GLU D 88 -29.36 27.84 41.57
N HIS D 89 -29.23 26.97 40.58
CA HIS D 89 -29.95 25.71 40.53
C HIS D 89 -29.12 24.55 41.05
N VAL D 90 -28.23 24.80 42.00
CA VAL D 90 -27.41 23.77 42.63
C VAL D 90 -27.61 23.91 44.12
N LYS D 91 -28.36 22.98 44.71
CA LYS D 91 -28.65 22.98 46.14
C LYS D 91 -27.82 21.91 46.85
N TRP D 92 -27.63 22.11 48.15
CA TRP D 92 -26.86 21.20 48.98
C TRP D 92 -27.73 20.69 50.11
N LEU D 93 -27.80 19.37 50.25
CA LEU D 93 -28.48 18.71 51.37
C LEU D 93 -27.41 17.94 52.14
N ILE D 94 -26.92 18.50 53.25
CA ILE D 94 -25.78 17.98 53.99
C ILE D 94 -26.27 17.17 55.18
N GLY D 95 -25.62 16.04 55.43
CA GLY D 95 -25.90 15.20 56.59
C GLY D 95 -26.17 13.77 56.19
N ASP D 96 -26.38 12.94 57.21
CA ASP D 96 -26.75 11.55 57.00
C ASP D 96 -28.05 11.47 56.20
N VAL D 97 -27.99 10.93 54.98
CA VAL D 97 -29.14 10.92 54.10
C VAL D 97 -30.28 10.08 54.65
N GLU D 98 -29.97 9.12 55.52
CA GLU D 98 -31.00 8.30 56.15
C GLU D 98 -31.72 9.02 57.29
N THR D 99 -31.38 10.29 57.54
CA THR D 99 -32.08 11.12 58.51
C THR D 99 -32.68 12.36 57.87
N LEU D 100 -32.70 12.43 56.54
CA LEU D 100 -33.12 13.62 55.81
C LEU D 100 -34.29 13.31 54.88
N GLU D 101 -35.25 14.23 54.82
CA GLU D 101 -36.37 14.12 53.91
C GLU D 101 -35.92 14.46 52.49
N PHE D 102 -36.35 13.64 51.53
CA PHE D 102 -35.88 13.71 50.17
C PHE D 102 -36.50 14.89 49.42
N PRO D 103 -35.80 15.42 48.41
CA PRO D 103 -36.47 16.32 47.45
C PRO D 103 -37.41 15.52 46.56
N GLN D 104 -38.58 16.09 46.28
CA GLN D 104 -39.66 15.34 45.64
C GLN D 104 -39.73 15.62 44.15
N GLN D 105 -40.48 14.77 43.46
CA GLN D 105 -40.69 14.86 42.00
C GLN D 105 -39.36 14.82 41.26
N LEU D 106 -38.63 13.74 41.46
CA LEU D 106 -37.32 13.57 40.85
C LEU D 106 -37.44 12.78 39.55
N ASP D 107 -36.61 13.15 38.58
CA ASP D 107 -36.48 12.37 37.36
C ASP D 107 -35.44 11.26 37.53
N MET D 108 -34.53 11.39 38.48
CA MET D 108 -33.49 10.40 38.68
C MET D 108 -32.87 10.57 40.06
N ILE D 109 -32.63 9.45 40.73
CA ILE D 109 -31.78 9.39 41.91
C ILE D 109 -30.52 8.63 41.54
N VAL D 110 -29.37 9.27 41.72
CA VAL D 110 -28.09 8.70 41.30
C VAL D 110 -27.18 8.64 42.52
N SER D 111 -26.30 7.63 42.55
CA SER D 111 -25.35 7.49 43.65
C SER D 111 -24.17 6.66 43.19
N GLY D 112 -22.97 7.06 43.60
CA GLY D 112 -21.77 6.34 43.25
C GLY D 112 -20.89 5.96 44.43
N SER D 113 -20.74 4.66 44.69
CA SER D 113 -19.84 4.15 45.74
C SER D 113 -20.17 4.73 47.11
N ALA D 114 -21.46 4.80 47.44
CA ALA D 114 -21.86 5.42 48.70
C ALA D 114 -22.91 4.61 49.43
N LEU D 115 -23.71 3.83 48.72
CA LEU D 115 -24.79 3.08 49.35
C LEU D 115 -24.31 1.92 50.21
N GLN D 116 -23.01 1.60 50.19
CA GLN D 116 -22.52 0.52 51.03
C GLN D 116 -22.44 0.91 52.50
N TRP D 117 -22.46 2.21 52.80
CA TRP D 117 -22.40 2.70 54.18
C TRP D 117 -23.76 2.76 54.84
N MET D 118 -24.83 2.47 54.10
CA MET D 118 -26.18 2.66 54.62
C MET D 118 -26.54 1.60 55.65
N GLN D 119 -27.17 2.04 56.73
CA GLN D 119 -27.63 1.14 57.80
C GLN D 119 -28.96 0.48 57.47
N ASP D 120 -29.89 1.22 56.85
CA ASP D 120 -31.23 0.70 56.56
C ASP D 120 -31.56 0.97 55.10
N LEU D 121 -31.12 0.07 54.23
CA LEU D 121 -31.37 0.20 52.80
C LEU D 121 -32.86 0.02 52.47
N PRO D 122 -33.57 -0.97 53.03
CA PRO D 122 -35.01 -1.08 52.72
C PRO D 122 -35.80 0.17 53.05
N ARG D 123 -35.46 0.85 54.15
CA ARG D 123 -36.11 2.13 54.44
C ARG D 123 -35.72 3.19 53.41
N LEU D 124 -34.44 3.22 53.03
CA LEU D 124 -34.00 4.21 52.06
C LEU D 124 -34.62 3.97 50.68
N LEU D 125 -34.98 2.73 50.37
CA LEU D 125 -35.68 2.46 49.12
C LEU D 125 -37.12 2.96 49.18
N GLN D 126 -37.73 2.99 50.37
CA GLN D 126 -39.06 3.55 50.53
C GLN D 126 -39.06 5.04 50.23
N HIS D 127 -38.00 5.75 50.65
CA HIS D 127 -37.92 7.18 50.38
C HIS D 127 -37.64 7.44 48.91
N CYS D 128 -36.75 6.65 48.30
CA CYS D 128 -36.49 6.79 46.87
C CYS D 128 -37.76 6.61 46.05
N TYR D 129 -38.61 5.67 46.47
CA TYR D 129 -39.84 5.40 45.71
C TYR D 129 -40.77 6.61 45.72
N ALA D 130 -41.00 7.19 46.90
CA ALA D 130 -41.96 8.28 47.02
C ALA D 130 -41.48 9.55 46.35
N ALA D 131 -40.16 9.76 46.28
CA ALA D 131 -39.63 10.99 45.70
C ALA D 131 -39.59 10.92 44.18
N LEU D 132 -39.38 9.74 43.61
CA LEU D 132 -39.29 9.62 42.17
C LEU D 132 -40.65 9.76 41.51
N ASN D 133 -40.65 10.29 40.29
CA ASN D 133 -41.84 10.30 39.46
C ASN D 133 -42.17 8.89 38.98
N GLU D 134 -43.32 8.77 38.35
CA GLU D 134 -43.66 7.53 37.66
C GLU D 134 -42.63 7.28 36.57
N GLN D 135 -42.09 6.05 36.54
CA GLN D 135 -41.00 5.66 35.65
C GLN D 135 -39.74 6.48 35.89
N GLY D 136 -39.58 7.01 37.10
CA GLY D 136 -38.38 7.74 37.45
C GLY D 136 -37.21 6.81 37.72
N TRP D 137 -36.02 7.26 37.34
CA TRP D 137 -34.83 6.42 37.34
C TRP D 137 -34.19 6.34 38.72
N LEU D 138 -33.77 5.14 39.10
CA LEU D 138 -32.91 4.93 40.27
C LEU D 138 -31.69 4.14 39.81
N CYS D 139 -30.56 4.81 39.71
CA CYS D 139 -29.32 4.22 39.24
C CYS D 139 -28.23 4.41 40.28
N PHE D 140 -27.39 3.39 40.45
CA PHE D 140 -26.37 3.47 41.48
C PHE D 140 -25.26 2.49 41.18
N SER D 141 -24.11 2.73 41.78
CA SER D 141 -23.03 1.77 41.84
C SER D 141 -22.66 1.60 43.31
N THR D 142 -22.51 0.35 43.74
CA THR D 142 -22.06 0.06 45.10
C THR D 142 -21.00 -1.05 45.05
N PHE D 143 -20.91 -1.87 46.08
CA PHE D 143 -19.91 -2.91 46.12
C PHE D 143 -20.51 -4.21 46.64
N GLY D 144 -19.95 -5.32 46.19
CA GLY D 144 -20.37 -6.63 46.62
C GLY D 144 -19.52 -7.20 47.75
N PRO D 145 -19.91 -8.38 48.23
CA PRO D 145 -19.27 -8.94 49.44
C PRO D 145 -17.79 -9.28 49.27
N LYS D 146 -17.28 -9.38 48.05
CA LYS D 146 -15.87 -9.68 47.83
C LYS D 146 -15.01 -8.43 47.76
N ASN D 147 -15.55 -7.27 48.11
CA ASN D 147 -14.79 -6.02 48.01
C ASN D 147 -13.78 -5.93 49.16
N LEU D 148 -12.51 -5.73 48.80
CA LEU D 148 -11.41 -5.67 49.77
C LEU D 148 -11.43 -6.90 50.69
N ILE D 149 -11.61 -8.07 50.09
CA ILE D 149 -11.68 -9.30 50.86
C ILE D 149 -10.33 -9.67 51.45
N GLU D 150 -9.23 -9.25 50.84
CA GLU D 150 -7.91 -9.52 51.41
C GLU D 150 -7.69 -8.73 52.70
N ILE D 151 -8.06 -7.45 52.68
CA ILE D 151 -8.02 -6.65 53.89
C ILE D 151 -9.05 -7.12 54.90
N LYS D 152 -10.13 -7.75 54.43
CA LYS D 152 -11.17 -8.24 55.32
C LYS D 152 -10.66 -9.35 56.21
N GLU D 153 -9.93 -10.31 55.65
CA GLU D 153 -9.47 -11.47 56.40
C GLU D 153 -8.14 -11.25 57.11
N LEU D 154 -7.33 -10.30 56.65
CA LEU D 154 -6.05 -10.01 57.29
C LEU D 154 -6.17 -9.01 58.42
N THR D 155 -7.30 -8.31 58.54
CA THR D 155 -7.54 -7.39 59.64
C THR D 155 -8.81 -7.70 60.41
N GLY D 156 -9.61 -8.67 59.96
CA GLY D 156 -10.89 -8.94 60.58
C GLY D 156 -11.89 -7.80 60.54
N GLN D 157 -11.70 -6.84 59.63
CA GLN D 157 -12.53 -5.66 59.57
C GLN D 157 -13.08 -5.47 58.16
N GLY D 158 -14.29 -4.94 58.09
CA GLY D 158 -14.92 -4.69 56.81
C GLY D 158 -16.41 -4.58 56.95
N LEU D 159 -17.01 -4.00 55.91
CA LEU D 159 -18.45 -3.79 55.88
C LEU D 159 -19.17 -5.07 55.47
N ASN D 160 -20.46 -5.13 55.81
CA ASN D 160 -21.34 -6.20 55.38
C ASN D 160 -22.02 -5.76 54.08
N TYR D 161 -21.73 -6.45 52.98
CA TYR D 161 -22.23 -6.07 51.67
C TYR D 161 -23.38 -6.95 51.24
N TRP D 162 -24.30 -6.36 50.48
CA TRP D 162 -25.34 -7.11 49.77
C TRP D 162 -24.77 -7.73 48.51
N ASN D 163 -25.31 -8.89 48.13
CA ASN D 163 -24.97 -9.51 46.86
C ASN D 163 -25.99 -9.11 45.81
N LEU D 164 -25.88 -9.69 44.61
CA LEU D 164 -26.81 -9.37 43.53
C LEU D 164 -28.23 -9.83 43.87
N GLU D 165 -28.38 -10.98 44.54
CA GLU D 165 -29.71 -11.49 44.87
C GLU D 165 -30.38 -10.65 45.94
N ASN D 166 -29.62 -10.10 46.90
CA ASN D 166 -30.24 -9.24 47.90
C ASN D 166 -30.78 -7.96 47.27
N TRP D 167 -30.05 -7.41 46.29
CA TRP D 167 -30.50 -6.19 45.63
C TRP D 167 -31.70 -6.47 44.75
N ASN D 168 -31.64 -7.54 43.96
CA ASN D 168 -32.75 -7.88 43.07
C ASN D 168 -34.03 -8.11 43.85
N SER D 169 -33.92 -8.75 45.02
CA SER D 169 -35.10 -8.98 45.83
C SER D 169 -35.59 -7.70 46.50
N ALA D 170 -34.68 -6.83 46.92
CA ALA D 170 -35.07 -5.63 47.63
C ALA D 170 -35.68 -4.58 46.70
N LEU D 171 -35.13 -4.44 45.50
CA LEU D 171 -35.67 -3.48 44.53
C LEU D 171 -37.06 -3.89 44.08
N THR D 172 -37.23 -5.15 43.69
CA THR D 172 -38.55 -5.65 43.32
C THR D 172 -39.53 -5.52 44.48
N GLN D 173 -39.05 -5.59 45.72
CA GLN D 173 -39.95 -5.45 46.87
C GLN D 173 -40.34 -3.99 47.09
N ALA D 174 -39.41 -3.05 46.86
CA ALA D 174 -39.73 -1.65 47.07
C ALA D 174 -40.61 -1.08 45.96
N GLY D 175 -40.73 -1.78 44.84
CA GLY D 175 -41.59 -1.33 43.75
C GLY D 175 -40.80 -0.80 42.58
N PHE D 176 -39.61 -1.36 42.36
CA PHE D 176 -38.73 -0.91 41.29
C PHE D 176 -38.59 -2.00 40.25
N GLU D 177 -38.44 -1.58 38.99
CA GLU D 177 -38.17 -2.47 37.87
C GLU D 177 -36.71 -2.31 37.49
N ILE D 178 -36.04 -3.43 37.22
CA ILE D 178 -34.61 -3.46 36.99
C ILE D 178 -34.36 -3.64 35.50
N LEU D 179 -33.72 -2.66 34.88
CA LEU D 179 -33.33 -2.73 33.48
C LEU D 179 -31.88 -3.13 33.26
N HIS D 180 -31.04 -3.06 34.30
CA HIS D 180 -29.66 -3.47 34.20
C HIS D 180 -29.16 -3.85 35.58
N LEU D 181 -28.48 -4.99 35.68
CA LEU D 181 -27.97 -5.47 36.97
C LEU D 181 -26.74 -6.32 36.69
N ALA D 182 -25.57 -5.83 37.08
CA ALA D 182 -24.30 -6.49 36.78
C ALA D 182 -23.36 -6.37 37.97
N GLN D 183 -22.33 -7.23 37.96
CA GLN D 183 -21.30 -7.21 38.99
C GLN D 183 -19.97 -7.53 38.33
N SER D 184 -18.89 -7.17 39.01
CA SER D 184 -17.57 -7.34 38.45
C SER D 184 -16.59 -7.61 39.58
N GLU D 185 -15.65 -8.52 39.33
CA GLU D 185 -14.55 -8.78 40.25
C GLU D 185 -13.27 -8.38 39.56
N THR D 186 -12.46 -7.56 40.24
CA THR D 186 -11.19 -7.11 39.69
C THR D 186 -10.09 -7.37 40.72
N GLN D 187 -9.03 -8.05 40.29
CA GLN D 187 -7.89 -8.39 41.12
C GLN D 187 -6.69 -7.59 40.63
N LEU D 188 -6.28 -6.59 41.41
CA LEU D 188 -5.04 -5.85 41.17
C LEU D 188 -3.88 -6.55 41.87
N TYR D 189 -2.71 -6.58 41.21
CA TYR D 189 -1.55 -7.35 41.66
C TYR D 189 -0.38 -6.41 41.91
N PHE D 190 -0.17 -6.04 43.17
CA PHE D 190 0.92 -5.13 43.56
C PHE D 190 2.21 -5.90 43.77
N ASP D 191 3.33 -5.19 43.62
CA ASP D 191 4.64 -5.81 43.77
C ASP D 191 4.86 -6.34 45.19
N SER D 192 4.33 -5.64 46.19
CA SER D 192 4.53 -6.02 47.59
C SER D 192 3.35 -5.51 48.40
N PRO D 193 3.10 -6.10 49.58
CA PRO D 193 1.97 -5.64 50.40
C PRO D 193 2.06 -4.19 50.85
N LYS D 194 3.24 -3.59 50.82
CA LYS D 194 3.36 -2.19 51.21
C LYS D 194 2.68 -1.28 50.19
N ALA D 195 2.92 -1.54 48.90
CA ALA D 195 2.25 -0.77 47.85
C ALA D 195 0.74 -0.94 47.92
N VAL D 196 0.26 -2.06 48.45
CA VAL D 196 -1.17 -2.24 48.70
C VAL D 196 -1.65 -1.23 49.73
N LEU D 197 -0.91 -1.10 50.83
CA LEU D 197 -1.27 -0.15 51.87
C LEU D 197 -1.16 1.29 51.36
N GLN D 198 -0.07 1.60 50.65
CA GLN D 198 0.08 2.94 50.08
C GLN D 198 -1.05 3.26 49.11
N HIS D 199 -1.54 2.24 48.39
CA HIS D 199 -2.73 2.43 47.56
C HIS D 199 -3.96 2.66 48.42
N LEU D 200 -4.09 1.92 49.52
CA LEU D 200 -5.24 2.12 50.41
C LEU D 200 -5.19 3.47 51.11
N LYS D 201 -4.02 4.08 51.24
CA LYS D 201 -3.89 5.39 51.88
C LYS D 201 -3.95 6.54 50.88
N ALA D 202 -3.55 6.30 49.63
CA ALA D 202 -3.60 7.35 48.61
C ALA D 202 -4.97 7.50 47.98
N THR D 203 -5.80 6.45 48.01
CA THR D 203 -7.13 6.48 47.42
C THR D 203 -8.22 6.80 48.43
N GLY D 204 -7.87 7.34 49.60
CA GLY D 204 -8.85 7.73 50.58
C GLY D 204 -9.55 6.59 51.29
N VAL D 205 -8.79 5.61 51.76
CA VAL D 205 -9.35 4.50 52.54
C VAL D 205 -8.64 4.40 53.89
N GLN D 216 5.49 -2.72 64.33
CA GLN D 216 5.62 -4.04 64.94
C GLN D 216 4.81 -5.08 64.18
N SER D 217 3.49 -4.99 64.30
CA SER D 217 2.58 -5.92 63.63
C SER D 217 2.55 -5.74 62.11
N LEU D 218 3.29 -4.77 61.58
CA LEU D 218 3.27 -4.53 60.14
C LEU D 218 4.00 -5.63 59.38
N GLN D 219 5.12 -6.12 59.91
CA GLN D 219 5.90 -7.12 59.18
C GLN D 219 5.15 -8.44 59.07
N GLN D 220 4.28 -8.75 60.04
CA GLN D 220 3.50 -9.98 59.90
C GLN D 220 2.31 -9.78 58.98
N PHE D 221 1.65 -8.61 59.03
CA PHE D 221 0.64 -8.30 58.02
C PHE D 221 1.21 -8.46 56.61
N TYR D 222 2.49 -8.15 56.44
CA TYR D 222 3.18 -8.49 55.20
C TYR D 222 3.37 -10.00 55.08
N GLN D 223 3.74 -10.66 56.18
CA GLN D 223 3.88 -12.11 56.18
C GLN D 223 2.55 -12.80 55.96
N ASP D 224 1.46 -12.23 56.49
CA ASP D 224 0.14 -12.78 56.25
C ASP D 224 -0.25 -12.68 54.78
N TYR D 225 0.12 -11.58 54.13
CA TYR D 225 -0.32 -11.32 52.76
C TYR D 225 0.19 -12.35 51.75
N ASP D 226 1.19 -13.16 52.13
CA ASP D 226 1.71 -14.16 51.21
C ASP D 226 0.64 -15.18 50.81
N ARG D 227 -0.44 -15.29 51.58
CA ARG D 227 -1.55 -16.16 51.18
C ARG D 227 -2.19 -15.71 49.87
N PHE D 228 -2.03 -14.45 49.48
CA PHE D 228 -2.62 -13.91 48.26
C PHE D 228 -1.58 -13.66 47.17
N LYS D 229 -0.45 -14.35 47.24
CA LYS D 229 0.62 -14.13 46.28
C LYS D 229 0.38 -14.94 45.02
N HIS D 230 0.16 -14.25 43.90
CA HIS D 230 0.11 -14.88 42.59
C HIS D 230 1.49 -14.75 41.94
N THR D 231 1.59 -15.24 40.69
CA THR D 231 2.83 -15.07 39.95
C THR D 231 3.05 -13.61 39.53
N GLU D 232 1.99 -12.82 39.44
CA GLU D 232 2.08 -11.43 39.01
C GLU D 232 2.10 -10.43 40.16
N GLY D 233 1.99 -10.90 41.40
CA GLY D 233 2.03 -10.01 42.54
C GLY D 233 1.00 -10.42 43.57
N TYR D 234 0.77 -9.53 44.53
CA TYR D 234 -0.10 -9.79 45.66
C TYR D 234 -1.42 -9.05 45.44
N SER D 235 -2.53 -9.78 45.60
CA SER D 235 -3.81 -9.34 45.06
C SER D 235 -4.55 -8.43 46.04
N LEU D 236 -5.30 -7.49 45.45
CA LEU D 236 -6.32 -6.70 46.14
C LEU D 236 -7.56 -6.71 45.26
N THR D 237 -8.71 -7.05 45.84
CA THR D 237 -9.91 -7.38 45.07
C THR D 237 -10.95 -6.28 45.22
N TYR D 238 -11.45 -5.79 44.09
CA TYR D 238 -12.58 -4.87 44.05
C TYR D 238 -13.79 -5.57 43.46
N HIS D 239 -14.97 -5.29 44.03
CA HIS D 239 -16.21 -5.97 43.66
C HIS D 239 -17.32 -4.97 43.52
N PRO D 240 -17.36 -4.17 42.45
CA PRO D 240 -18.42 -3.20 42.27
C PRO D 240 -19.69 -3.84 41.70
N ILE D 241 -20.81 -3.20 42.00
CA ILE D 241 -22.12 -3.63 41.54
C ILE D 241 -22.79 -2.44 40.87
N TYR D 242 -23.34 -2.66 39.68
CA TYR D 242 -24.03 -1.64 38.88
C TYR D 242 -25.50 -2.04 38.72
N CYS D 243 -26.39 -1.05 38.77
CA CYS D 243 -27.81 -1.31 38.64
C CYS D 243 -28.53 -0.08 38.11
N ILE D 244 -29.27 -0.25 37.00
CA ILE D 244 -30.12 0.79 36.44
C ILE D 244 -31.56 0.38 36.68
N ALA D 245 -32.26 1.09 37.57
CA ALA D 245 -33.64 0.79 37.90
C ALA D 245 -34.56 1.96 37.59
N ARG D 246 -35.83 1.65 37.34
CA ARG D 246 -36.85 2.66 37.13
C ARG D 246 -38.10 2.30 37.92
N ARG D 247 -38.73 3.32 38.49
CA ARG D 247 -39.84 3.14 39.42
C ARG D 247 -41.13 2.79 38.66
N MET D 248 -42.02 2.09 39.34
CA MET D 248 -43.37 1.84 38.85
C MET D 248 -44.40 2.67 39.60
#